data_2XU7
#
_entry.id   2XU7
#
_cell.length_a   75.745
_cell.length_b   59.843
_cell.length_c   100.648
_cell.angle_alpha   90.00
_cell.angle_beta   93.55
_cell.angle_gamma   90.00
#
_symmetry.space_group_name_H-M   'P 1 21 1'
#
loop_
_entity.id
_entity.type
_entity.pdbx_description
1 polymer 'HISTONE-BINDING PROTEIN RBBP4'
2 polymer 'ZINC FINGER PROTEIN ZFPM1'
3 non-polymer 'TETRAETHYLENE GLYCOL'
4 water water
#
loop_
_entity_poly.entity_id
_entity_poly.type
_entity_poly.pdbx_seq_one_letter_code
_entity_poly.pdbx_strand_id
1 'polypeptide(L)'
;MADKEAAFDDAVEERVINEEYKIWKKNTPFLYDLVMTHALEWPSLTAQWLPDVTRPEGKDFSIHRLVLGTHTSDEQNHLV
IASVQLPNDDAQFDASHYDSEKGEFGGFGSVSGKIEIEIKINHEGEVNRARYMPQNPCIIATKTPSSDVLVFDYTKHPSK
PDPSGECNPDLRLRGHQKEGYGLSWNPNLSGHLLSASDDHTICLWDISAVPKEGKVVDAKTIFTGHTAVVEDVSWHLLHE
SLFGSVADDQKLMIWDTRSNNTSKPSHSVDAHTAEVNCLSFNPYSEFILATGSADKTVALWDLRNLKLKLHSFESHKDEI
FQVQWSPHNETILASSGTDRRLNVWDLSKIGEEQSPEDAEDGPPELLFIHGGHTAKISDFSWNPNEPWVICSVSEDNIMQ
VWQMAENIYNDEDPEGSVDPEGQGS
;
A,B
2 'polypeptide(L)' MSRRKQSNPRQIKRS C,D
#
loop_
_chem_comp.id
_chem_comp.type
_chem_comp.name
_chem_comp.formula
PG4 non-polymer 'TETRAETHYLENE GLYCOL' 'C8 H18 O5'
#
# COMPACT_ATOMS: atom_id res chain seq x y z
N VAL A 16 -35.96 -0.95 -10.06
CA VAL A 16 -35.79 0.38 -10.73
C VAL A 16 -34.71 0.26 -11.82
N ILE A 17 -33.48 0.01 -11.38
CA ILE A 17 -32.33 -0.25 -12.29
C ILE A 17 -32.68 -1.31 -13.36
N ASN A 18 -33.26 -2.40 -12.88
CA ASN A 18 -33.66 -3.48 -13.75
C ASN A 18 -34.68 -3.07 -14.83
N GLU A 19 -35.61 -2.17 -14.49
CA GLU A 19 -36.62 -1.71 -15.46
C GLU A 19 -36.03 -0.76 -16.51
N GLU A 20 -35.22 0.22 -16.07
CA GLU A 20 -34.48 1.14 -16.95
C GLU A 20 -33.64 0.37 -17.94
N TYR A 21 -32.87 -0.58 -17.42
CA TYR A 21 -32.05 -1.47 -18.24
C TYR A 21 -32.84 -2.25 -19.33
N LYS A 22 -34.02 -2.77 -19.01
CA LYS A 22 -34.84 -3.49 -20.00
C LYS A 22 -35.22 -2.53 -21.13
N ILE A 23 -35.56 -1.30 -20.77
CA ILE A 23 -35.93 -0.28 -21.75
C ILE A 23 -34.71 0.17 -22.58
N TRP A 24 -33.54 0.20 -21.96
CA TRP A 24 -32.32 0.55 -22.69
C TRP A 24 -32.01 -0.51 -23.81
N LYS A 25 -31.97 -1.79 -23.40
CA LYS A 25 -31.80 -2.97 -24.28
C LYS A 25 -32.73 -2.94 -25.51
N LYS A 26 -34.02 -2.65 -25.34
CA LYS A 26 -34.95 -2.58 -26.46
C LYS A 26 -34.61 -1.46 -27.47
N ASN A 27 -33.98 -0.41 -26.99
CA ASN A 27 -33.76 0.78 -27.82
C ASN A 27 -32.38 0.93 -28.42
N THR A 28 -31.43 0.08 -28.03
CA THR A 28 -30.07 0.15 -28.55
C THR A 28 -29.98 0.27 -30.08
N PRO A 29 -30.81 -0.47 -30.88
CA PRO A 29 -30.62 -0.27 -32.32
C PRO A 29 -30.99 1.10 -32.84
N PHE A 30 -31.80 1.88 -32.12
CA PHE A 30 -32.13 3.23 -32.60
C PHE A 30 -31.27 4.36 -32.01
N LEU A 31 -30.60 4.07 -30.94
CA LEU A 31 -29.87 5.12 -30.18
C LEU A 31 -28.39 4.99 -30.49
N TYR A 32 -27.99 3.83 -31.01
CA TYR A 32 -26.54 3.54 -31.16
C TYR A 32 -26.16 3.09 -32.57
N ASP A 33 -24.95 3.42 -33.01
CA ASP A 33 -24.34 2.75 -34.17
C ASP A 33 -23.50 1.57 -33.69
N LEU A 34 -23.09 1.56 -32.43
CA LEU A 34 -22.25 0.48 -31.92
C LEU A 34 -22.48 0.31 -30.43
N VAL A 35 -22.73 -0.93 -29.99
CA VAL A 35 -22.72 -1.28 -28.58
C VAL A 35 -22.03 -2.64 -28.43
N MET A 36 -20.95 -2.70 -27.64
CA MET A 36 -20.37 -3.97 -27.24
C MET A 36 -20.32 -3.98 -25.70
N THR A 37 -20.65 -5.13 -25.13
CA THR A 37 -20.63 -5.31 -23.68
C THR A 37 -19.70 -6.46 -23.36
N HIS A 38 -18.88 -6.32 -22.31
CA HIS A 38 -17.94 -7.35 -21.90
C HIS A 38 -17.85 -7.36 -20.40
N ALA A 39 -17.94 -8.54 -19.74
CA ALA A 39 -17.82 -8.61 -18.26
C ALA A 39 -16.42 -9.03 -17.94
N LEU A 40 -15.66 -8.16 -17.32
CA LEU A 40 -14.29 -8.45 -16.98
C LEU A 40 -14.28 -9.44 -15.81
N GLU A 41 -13.17 -10.15 -15.61
CA GLU A 41 -13.02 -11.02 -14.43
C GLU A 41 -13.23 -10.26 -13.11
N TRP A 42 -12.54 -9.12 -12.97
CA TRP A 42 -12.68 -8.23 -11.79
C TRP A 42 -13.06 -6.81 -12.30
N PRO A 43 -13.69 -5.95 -11.45
CA PRO A 43 -14.05 -4.64 -12.00
C PRO A 43 -12.80 -3.81 -12.18
N SER A 44 -12.80 -2.87 -13.13
CA SER A 44 -11.69 -1.89 -13.25
C SER A 44 -12.11 -0.56 -12.68
N LEU A 45 -11.23 0.11 -11.92
CA LEU A 45 -11.50 1.49 -11.47
C LEU A 45 -11.08 2.56 -12.53
N THR A 46 -10.46 2.09 -13.62
CA THR A 46 -9.76 2.97 -14.54
C THR A 46 -9.97 2.55 -15.99
N ALA A 47 -10.02 3.53 -16.88
CA ALA A 47 -10.07 3.19 -18.32
C ALA A 47 -9.50 4.28 -19.15
N GLN A 48 -8.63 3.92 -20.12
CA GLN A 48 -8.13 4.88 -21.05
C GLN A 48 -7.67 4.20 -22.35
N TRP A 49 -8.10 4.76 -23.49
CA TRP A 49 -7.70 4.27 -24.81
C TRP A 49 -6.25 4.64 -25.02
N LEU A 50 -5.44 3.66 -25.42
CA LEU A 50 -4.09 3.98 -25.87
C LEU A 50 -4.20 4.65 -27.26
N PRO A 51 -3.20 5.44 -27.65
CA PRO A 51 -3.41 6.32 -28.83
C PRO A 51 -3.17 5.63 -30.18
N ASP A 52 -2.64 4.41 -30.15
CA ASP A 52 -2.25 3.75 -31.40
C ASP A 52 -3.26 2.71 -31.90
N VAL A 53 -3.34 2.58 -33.20
CA VAL A 53 -4.35 1.71 -33.77
C VAL A 53 -3.72 0.87 -34.89
N THR A 54 -3.87 -0.46 -34.80
CA THR A 54 -3.34 -1.37 -35.82
C THR A 54 -4.49 -2.23 -36.30
N PHE A 61 -12.23 -3.81 -40.16
CA PHE A 61 -11.90 -3.61 -38.70
C PHE A 61 -10.45 -3.17 -38.38
N SER A 62 -10.28 -2.40 -37.31
CA SER A 62 -8.99 -2.02 -36.78
C SER A 62 -8.83 -2.52 -35.32
N ILE A 63 -7.59 -2.64 -34.83
CA ILE A 63 -7.29 -3.06 -33.47
C ILE A 63 -6.94 -1.84 -32.59
N HIS A 64 -7.73 -1.58 -31.57
CA HIS A 64 -7.48 -0.49 -30.60
C HIS A 64 -7.18 -1.19 -29.29
N ARG A 65 -6.47 -0.51 -28.38
CA ARG A 65 -6.14 -1.03 -27.07
C ARG A 65 -6.54 -0.10 -25.94
N LEU A 66 -6.79 -0.71 -24.80
CA LEU A 66 -7.25 -0.02 -23.59
C LEU A 66 -6.31 -0.35 -22.40
N VAL A 67 -5.97 0.65 -21.60
CA VAL A 67 -5.35 0.39 -20.31
C VAL A 67 -6.46 0.30 -19.26
N LEU A 68 -6.45 -0.78 -18.48
CA LEU A 68 -7.46 -1.10 -17.46
C LEU A 68 -6.67 -1.56 -16.22
N GLY A 69 -7.37 -1.75 -15.10
CA GLY A 69 -6.75 -2.26 -13.91
C GLY A 69 -7.71 -3.21 -13.23
N THR A 70 -7.32 -3.76 -12.08
CA THR A 70 -8.19 -4.65 -11.37
C THR A 70 -8.50 -4.03 -10.04
N HIS A 71 -9.66 -4.39 -9.51
CA HIS A 71 -10.01 -4.09 -8.14
C HIS A 71 -10.61 -5.37 -7.62
N THR A 72 -9.92 -6.06 -6.68
CA THR A 72 -10.30 -7.43 -6.30
C THR A 72 -10.50 -7.52 -4.83
N SER A 73 -11.18 -8.57 -4.36
CA SER A 73 -11.33 -8.84 -2.92
C SER A 73 -10.13 -9.68 -2.42
N ASP A 74 -9.24 -10.10 -3.32
CA ASP A 74 -8.10 -10.92 -2.93
C ASP A 74 -6.78 -10.18 -3.23
N GLU A 75 -5.72 -10.94 -3.48
CA GLU A 75 -4.43 -10.34 -3.82
C GLU A 75 -4.01 -10.60 -5.29
N GLN A 76 -4.94 -10.93 -6.17
CA GLN A 76 -4.58 -11.14 -7.60
C GLN A 76 -4.76 -9.80 -8.40
N ASN A 77 -3.95 -8.77 -8.13
CA ASN A 77 -4.03 -7.48 -8.81
C ASN A 77 -3.05 -7.31 -10.00
N HIS A 78 -3.55 -6.63 -11.04
CA HIS A 78 -2.82 -6.47 -12.28
C HIS A 78 -3.18 -5.12 -12.89
N LEU A 79 -2.18 -4.51 -13.50
CA LEU A 79 -2.35 -3.58 -14.61
C LEU A 79 -2.66 -4.41 -15.87
N VAL A 80 -3.67 -3.97 -16.65
CA VAL A 80 -4.18 -4.80 -17.78
C VAL A 80 -4.15 -3.95 -19.05
N ILE A 81 -3.65 -4.52 -20.15
CA ILE A 81 -3.91 -4.00 -21.51
C ILE A 81 -4.85 -4.98 -22.28
N ALA A 82 -5.97 -4.42 -22.75
CA ALA A 82 -7.00 -5.16 -23.54
C ALA A 82 -7.01 -4.68 -24.97
N SER A 83 -7.30 -5.58 -25.89
CA SER A 83 -7.48 -5.17 -27.25
C SER A 83 -8.97 -5.22 -27.62
N VAL A 84 -9.36 -4.36 -28.55
CA VAL A 84 -10.75 -4.27 -28.97
C VAL A 84 -10.68 -4.16 -30.45
N GLN A 85 -11.40 -5.04 -31.16
CA GLN A 85 -11.60 -4.90 -32.65
C GLN A 85 -12.82 -4.03 -32.97
N LEU A 86 -12.65 -2.98 -33.78
CA LEU A 86 -13.74 -2.02 -34.12
C LEU A 86 -13.90 -1.96 -35.62
N PRO A 87 -15.13 -1.79 -36.13
CA PRO A 87 -15.34 -1.61 -37.61
C PRO A 87 -14.52 -0.46 -38.21
N ASN A 88 -13.92 -0.69 -39.38
CA ASN A 88 -13.03 0.26 -40.06
C ASN A 88 -13.65 0.72 -41.35
N LYS A 114 -14.34 -8.22 -31.01
CA LYS A 114 -14.21 -8.97 -29.81
C LYS A 114 -13.16 -8.23 -28.95
N ILE A 115 -13.19 -8.55 -27.66
CA ILE A 115 -12.35 -7.92 -26.68
C ILE A 115 -11.45 -8.96 -26.06
N GLU A 116 -10.14 -8.73 -26.00
CA GLU A 116 -9.24 -9.70 -25.38
C GLU A 116 -8.20 -9.05 -24.48
N ILE A 117 -7.79 -9.79 -23.45
CA ILE A 117 -6.69 -9.36 -22.62
C ILE A 117 -5.39 -9.64 -23.36
N GLU A 118 -4.58 -8.63 -23.62
CA GLU A 118 -3.28 -8.86 -24.23
C GLU A 118 -2.17 -9.09 -23.19
N ILE A 119 -2.18 -8.31 -22.12
CA ILE A 119 -1.18 -8.44 -21.05
C ILE A 119 -1.75 -8.14 -19.68
N LYS A 120 -1.34 -8.92 -18.67
CA LYS A 120 -1.51 -8.53 -17.24
C LYS A 120 -0.14 -8.42 -16.56
N ILE A 121 0.04 -7.37 -15.76
CA ILE A 121 1.30 -7.11 -15.08
C ILE A 121 1.02 -6.97 -13.57
N ASN A 122 1.66 -7.81 -12.75
CA ASN A 122 1.45 -7.78 -11.28
C ASN A 122 1.55 -6.38 -10.74
N HIS A 123 0.57 -6.01 -9.90
CA HIS A 123 0.49 -4.68 -9.32
C HIS A 123 0.28 -4.79 -7.80
N GLU A 124 0.90 -3.90 -7.03
CA GLU A 124 0.77 -3.89 -5.58
C GLU A 124 -0.60 -3.29 -5.16
N GLY A 125 -1.56 -4.17 -4.86
CA GLY A 125 -2.91 -3.71 -4.56
C GLY A 125 -3.69 -3.33 -5.80
N GLU A 126 -4.95 -2.93 -5.58
CA GLU A 126 -5.77 -2.44 -6.70
C GLU A 126 -5.16 -1.23 -7.46
N VAL A 127 -5.55 -1.07 -8.72
CA VAL A 127 -5.06 0.05 -9.51
C VAL A 127 -6.09 1.19 -9.36
N ASN A 128 -5.77 2.23 -8.57
CA ASN A 128 -6.72 3.37 -8.35
C ASN A 128 -6.94 4.11 -9.64
N ARG A 129 -5.90 4.18 -10.45
CA ARG A 129 -6.01 4.92 -11.74
C ARG A 129 -4.75 4.59 -12.51
N ALA A 130 -4.86 4.54 -13.85
CA ALA A 130 -3.67 4.25 -14.69
C ALA A 130 -3.76 5.18 -15.91
N ARG A 131 -2.65 5.83 -16.27
CA ARG A 131 -2.57 6.81 -17.40
C ARG A 131 -1.28 6.65 -18.19
N TYR A 132 -1.37 6.63 -19.52
CA TYR A 132 -0.20 6.44 -20.34
C TYR A 132 0.45 7.80 -20.58
N MET A 133 1.76 7.79 -20.78
CA MET A 133 2.44 9.06 -21.02
C MET A 133 2.28 9.44 -22.51
N PRO A 134 1.70 10.61 -22.81
CA PRO A 134 1.38 10.98 -24.21
C PRO A 134 2.64 10.86 -25.13
N GLN A 135 3.84 11.21 -24.65
CA GLN A 135 5.04 11.22 -25.50
C GLN A 135 5.64 9.80 -25.70
N ASN A 136 5.31 8.88 -24.81
CA ASN A 136 5.70 7.50 -25.10
C ASN A 136 4.68 6.58 -24.39
N PRO A 137 3.67 6.11 -25.13
CA PRO A 137 2.50 5.41 -24.55
C PRO A 137 2.80 3.95 -24.12
N CYS A 138 4.04 3.49 -24.30
CA CYS A 138 4.53 2.27 -23.57
C CYS A 138 4.67 2.48 -22.03
N ILE A 139 4.73 3.75 -21.61
CA ILE A 139 4.95 4.15 -20.20
C ILE A 139 3.59 4.47 -19.58
N ILE A 140 3.25 3.71 -18.54
CA ILE A 140 1.98 3.89 -17.80
C ILE A 140 2.25 4.15 -16.33
N ALA A 141 1.65 5.23 -15.80
CA ALA A 141 1.70 5.51 -14.36
C ALA A 141 0.45 4.92 -13.70
N THR A 142 0.61 4.47 -12.45
CA THR A 142 -0.50 3.94 -11.67
C THR A 142 -0.45 4.40 -10.20
N LYS A 143 -1.63 4.56 -9.62
CA LYS A 143 -1.82 4.95 -8.22
C LYS A 143 -2.12 3.70 -7.42
N THR A 144 -1.38 3.48 -6.34
CA THR A 144 -1.53 2.33 -5.49
C THR A 144 -2.12 2.70 -4.09
N PRO A 145 -2.75 1.72 -3.43
CA PRO A 145 -3.37 2.04 -2.12
C PRO A 145 -2.32 2.41 -1.04
N SER A 146 -1.06 1.95 -1.20
CA SER A 146 0.03 2.28 -0.28
C SER A 146 0.45 3.76 -0.30
N SER A 147 0.04 4.47 -1.35
CA SER A 147 0.33 5.90 -1.65
C SER A 147 1.46 6.06 -2.73
N ASP A 148 2.20 4.96 -3.03
CA ASP A 148 3.22 5.00 -4.11
C ASP A 148 2.49 5.22 -5.42
N VAL A 149 3.13 5.94 -6.30
CA VAL A 149 2.71 6.02 -7.72
C VAL A 149 3.75 5.16 -8.48
N LEU A 150 3.30 4.16 -9.25
CA LEU A 150 4.25 3.30 -9.93
C LEU A 150 4.27 3.59 -11.43
N VAL A 151 5.45 3.41 -12.06
CA VAL A 151 5.61 3.58 -13.53
C VAL A 151 6.08 2.23 -14.10
N PHE A 152 5.36 1.79 -15.10
CA PHE A 152 5.65 0.59 -15.87
C PHE A 152 5.89 0.92 -17.34
N ASP A 153 6.84 0.24 -17.97
CA ASP A 153 6.92 0.22 -19.44
C ASP A 153 6.35 -1.13 -19.80
N TYR A 154 5.15 -1.17 -20.34
CA TYR A 154 4.49 -2.49 -20.44
C TYR A 154 5.20 -3.47 -21.39
N THR A 155 6.03 -2.92 -22.30
CA THR A 155 6.76 -3.69 -23.27
C THR A 155 7.90 -4.43 -22.61
N LYS A 156 8.15 -4.17 -21.32
CA LYS A 156 9.28 -4.84 -20.65
C LYS A 156 8.86 -6.15 -19.94
N HIS A 157 7.56 -6.36 -19.83
CA HIS A 157 6.98 -7.47 -19.11
C HIS A 157 6.51 -8.64 -19.99
N PRO A 158 6.59 -9.89 -19.43
CA PRO A 158 6.03 -11.09 -20.05
C PRO A 158 4.50 -10.93 -20.20
N SER A 159 3.89 -11.54 -21.23
CA SER A 159 2.41 -11.39 -21.44
C SER A 159 1.55 -12.08 -20.36
N LYS A 160 2.04 -13.22 -19.87
CA LYS A 160 1.52 -13.84 -18.66
C LYS A 160 2.32 -13.35 -17.44
N PRO A 161 1.61 -12.84 -16.43
CA PRO A 161 2.27 -12.31 -15.26
C PRO A 161 2.94 -13.42 -14.41
N ASP A 162 3.90 -12.99 -13.61
CA ASP A 162 4.67 -13.85 -12.78
C ASP A 162 3.77 -14.48 -11.68
N PRO A 163 3.57 -15.77 -11.75
CA PRO A 163 2.70 -16.39 -10.79
C PRO A 163 3.16 -16.19 -9.29
N SER A 164 4.45 -15.88 -9.05
CA SER A 164 4.93 -15.51 -7.70
C SER A 164 4.15 -14.33 -7.05
N GLY A 165 3.51 -13.53 -7.90
CA GLY A 165 2.87 -12.31 -7.48
C GLY A 165 3.79 -11.12 -7.24
N GLU A 166 5.09 -11.19 -7.57
CA GLU A 166 5.94 -9.99 -7.34
C GLU A 166 5.66 -8.88 -8.32
N CYS A 167 5.64 -7.66 -7.80
CA CYS A 167 5.49 -6.46 -8.60
C CYS A 167 6.88 -5.89 -8.88
N ASN A 168 7.20 -5.53 -10.13
CA ASN A 168 8.57 -5.10 -10.46
C ASN A 168 8.45 -3.81 -11.29
N PRO A 169 8.10 -2.69 -10.64
CA PRO A 169 7.83 -1.46 -11.40
C PRO A 169 9.12 -0.86 -11.95
N ASP A 170 9.06 -0.18 -13.09
CA ASP A 170 10.25 0.47 -13.63
C ASP A 170 10.69 1.74 -12.82
N LEU A 171 9.71 2.40 -12.19
CA LEU A 171 10.00 3.48 -11.28
C LEU A 171 9.02 3.42 -10.10
N ARG A 172 9.48 3.85 -8.93
CA ARG A 172 8.57 3.98 -7.80
C ARG A 172 8.68 5.43 -7.34
N LEU A 173 7.56 6.14 -7.39
CA LEU A 173 7.51 7.57 -7.17
C LEU A 173 6.93 7.89 -5.79
N ARG A 174 7.73 8.57 -4.97
CA ARG A 174 7.46 8.75 -3.56
C ARG A 174 7.12 10.23 -3.28
N GLY A 175 6.36 10.48 -2.22
CA GLY A 175 5.94 11.85 -1.97
C GLY A 175 4.64 11.97 -1.19
N HIS A 176 3.71 11.07 -1.44
CA HIS A 176 2.41 11.08 -0.81
C HIS A 176 2.39 10.25 0.49
N GLN A 177 1.54 10.64 1.42
CA GLN A 177 1.36 9.91 2.67
C GLN A 177 0.08 9.10 2.66
N LYS A 178 -0.75 9.30 1.61
CA LYS A 178 -2.02 8.54 1.45
C LYS A 178 -2.25 8.21 0.02
N GLU A 179 -3.10 7.20 -0.21
CA GLU A 179 -3.51 6.92 -1.60
C GLU A 179 -4.35 8.04 -2.22
N GLY A 180 -4.54 7.99 -3.52
CA GLY A 180 -5.49 8.92 -4.18
C GLY A 180 -5.80 8.48 -5.61
N TYR A 181 -6.32 9.42 -6.40
CA TYR A 181 -6.84 9.12 -7.73
C TYR A 181 -6.20 9.99 -8.84
N GLY A 182 -6.16 11.32 -8.65
CA GLY A 182 -5.78 12.26 -9.75
C GLY A 182 -4.43 11.91 -10.29
N LEU A 183 -4.26 11.93 -11.62
CA LEU A 183 -2.99 11.50 -12.22
C LEU A 183 -2.86 12.14 -13.56
N SER A 184 -1.78 12.91 -13.79
CA SER A 184 -1.72 13.64 -15.10
C SER A 184 -0.33 13.88 -15.64
N TRP A 185 -0.11 13.41 -16.86
CA TRP A 185 1.16 13.65 -17.55
C TRP A 185 1.16 14.96 -18.34
N ASN A 186 2.27 15.70 -18.30
CA ASN A 186 2.27 17.02 -18.99
C ASN A 186 2.48 16.72 -20.48
N PRO A 187 1.54 17.14 -21.33
CA PRO A 187 1.64 16.74 -22.73
C PRO A 187 2.61 17.64 -23.47
N ASN A 188 3.18 18.63 -22.80
CA ASN A 188 4.14 19.50 -23.45
C ASN A 188 5.51 19.43 -22.85
N LEU A 189 5.67 18.69 -21.78
CA LEU A 189 6.98 18.52 -21.13
C LEU A 189 7.08 17.08 -20.72
N SER A 190 7.82 16.30 -21.49
CA SER A 190 7.88 14.87 -21.31
C SER A 190 8.31 14.43 -19.91
N GLY A 191 7.57 13.50 -19.30
CA GLY A 191 8.03 12.93 -17.99
C GLY A 191 7.68 13.78 -16.74
N HIS A 192 6.97 14.90 -16.88
CA HIS A 192 6.45 15.64 -15.72
C HIS A 192 5.05 15.15 -15.41
N LEU A 193 4.89 14.50 -14.25
CA LEU A 193 3.72 13.81 -13.86
C LEU A 193 3.23 14.50 -12.54
N LEU A 194 1.96 14.87 -12.55
CA LEU A 194 1.17 15.33 -11.35
C LEU A 194 0.29 14.23 -10.77
N SER A 195 0.19 14.23 -9.44
CA SER A 195 -0.64 13.30 -8.74
C SER A 195 -1.34 13.99 -7.59
N ALA A 196 -2.58 13.64 -7.37
CA ALA A 196 -3.39 14.24 -6.26
C ALA A 196 -3.76 13.16 -5.27
N SER A 197 -3.76 13.49 -4.00
CA SER A 197 -3.94 12.47 -2.98
C SER A 197 -4.93 12.83 -1.85
N ASP A 198 -5.38 11.79 -1.16
CA ASP A 198 -6.22 11.97 0.01
C ASP A 198 -5.40 12.63 1.16
N ASP A 199 -4.09 12.82 0.98
CA ASP A 199 -3.29 13.50 1.99
C ASP A 199 -3.37 15.06 1.86
N HIS A 200 -4.22 15.56 0.95
CA HIS A 200 -4.43 17.04 0.79
C HIS A 200 -3.39 17.70 -0.11
N THR A 201 -2.47 16.92 -0.72
CA THR A 201 -1.40 17.46 -1.50
C THR A 201 -1.43 16.95 -2.96
N ILE A 202 -0.76 17.74 -3.77
CA ILE A 202 -0.37 17.41 -5.19
C ILE A 202 1.11 17.23 -5.21
N CYS A 203 1.57 16.11 -5.74
CA CYS A 203 2.99 15.96 -6.02
C CYS A 203 3.30 16.02 -7.53
N LEU A 204 4.48 16.53 -7.80
CA LEU A 204 4.99 16.66 -9.17
C LEU A 204 6.31 15.91 -9.20
N TRP A 205 6.48 15.02 -10.18
CA TRP A 205 7.76 14.43 -10.44
C TRP A 205 8.24 14.79 -11.88
N ASP A 206 9.56 14.83 -12.04
CA ASP A 206 10.16 14.99 -13.35
C ASP A 206 11.03 13.76 -13.52
N ILE A 207 10.51 12.74 -14.24
CA ILE A 207 11.28 11.49 -14.40
C ILE A 207 12.11 11.43 -15.69
N SER A 208 12.13 12.53 -16.48
CA SER A 208 12.76 12.48 -17.81
C SER A 208 14.23 12.12 -17.77
N ALA A 209 14.94 12.39 -16.67
CA ALA A 209 16.39 12.00 -16.71
C ALA A 209 16.70 10.71 -15.91
N VAL A 210 15.66 10.05 -15.40
CA VAL A 210 15.89 8.89 -14.53
C VAL A 210 15.86 7.57 -15.32
N PRO A 211 16.93 6.75 -15.26
CA PRO A 211 16.91 5.42 -15.93
C PRO A 211 15.78 4.58 -15.34
N LYS A 212 14.90 4.00 -16.16
CA LYS A 212 13.73 3.22 -15.67
C LYS A 212 14.16 1.83 -15.22
N GLU A 213 14.97 1.80 -14.17
CA GLU A 213 15.64 0.59 -13.79
C GLU A 213 15.28 0.19 -12.37
N GLY A 214 14.07 0.52 -11.96
CA GLY A 214 13.54 0.09 -10.66
C GLY A 214 13.71 1.11 -9.57
N LYS A 215 14.12 2.34 -9.89
CA LYS A 215 14.52 3.24 -8.81
C LYS A 215 13.44 4.08 -8.14
N VAL A 216 13.73 4.56 -6.94
CA VAL A 216 12.76 5.38 -6.19
C VAL A 216 13.10 6.83 -6.50
N VAL A 217 12.10 7.63 -6.80
CA VAL A 217 12.31 9.08 -7.08
C VAL A 217 11.41 9.90 -6.15
N ASP A 218 11.98 10.85 -5.41
CA ASP A 218 11.09 11.76 -4.65
C ASP A 218 10.47 12.88 -5.50
N ALA A 219 9.34 13.42 -5.05
CA ALA A 219 8.66 14.54 -5.73
C ALA A 219 9.59 15.73 -5.80
N LYS A 220 9.65 16.35 -6.98
CA LYS A 220 10.42 17.58 -7.22
C LYS A 220 9.71 18.74 -6.46
N THR A 221 8.39 18.78 -6.52
CA THR A 221 7.62 19.84 -5.85
C THR A 221 6.36 19.26 -5.24
N ILE A 222 5.99 19.75 -4.06
CA ILE A 222 4.67 19.37 -3.48
C ILE A 222 3.80 20.61 -3.23
N PHE A 223 2.57 20.55 -3.73
CA PHE A 223 1.69 21.73 -3.67
C PHE A 223 0.67 21.55 -2.55
N THR A 224 0.58 22.55 -1.66
CA THR A 224 -0.17 22.41 -0.39
C THR A 224 -1.32 23.36 -0.21
N GLY A 225 -1.92 23.90 -1.30
CA GLY A 225 -2.96 24.92 -1.07
C GLY A 225 -4.32 24.39 -0.60
N HIS A 226 -4.67 23.16 -0.95
CA HIS A 226 -5.98 22.61 -0.56
C HIS A 226 -5.96 22.24 0.93
N THR A 227 -7.14 22.23 1.56
CA THR A 227 -7.20 21.87 3.01
C THR A 227 -8.04 20.58 3.17
N ALA A 228 -8.16 19.76 2.13
CA ALA A 228 -8.94 18.52 2.22
C ALA A 228 -8.51 17.58 1.10
N VAL A 229 -9.03 16.34 1.04
CA VAL A 229 -8.65 15.40 -0.03
C VAL A 229 -8.59 16.10 -1.45
N VAL A 230 -7.48 15.97 -2.19
CA VAL A 230 -7.41 16.48 -3.59
C VAL A 230 -7.88 15.31 -4.47
N GLU A 231 -9.03 15.50 -5.13
CA GLU A 231 -9.67 14.41 -5.88
C GLU A 231 -9.10 14.25 -7.30
N ASP A 232 -8.61 15.34 -7.88
CA ASP A 232 -8.15 15.28 -9.31
C ASP A 232 -7.17 16.38 -9.58
N VAL A 233 -6.29 16.15 -10.55
CA VAL A 233 -5.33 17.16 -10.99
C VAL A 233 -5.18 16.94 -12.52
N SER A 234 -4.98 18.01 -13.27
CA SER A 234 -4.83 17.91 -14.73
C SER A 234 -3.96 19.06 -15.21
N TRP A 235 -2.96 18.79 -16.07
CA TRP A 235 -2.24 19.85 -16.75
C TRP A 235 -3.17 20.56 -17.72
N HIS A 236 -2.88 21.83 -17.95
CA HIS A 236 -3.45 22.54 -19.13
C HIS A 236 -2.90 21.87 -20.39
N LEU A 237 -3.63 21.82 -21.49
CA LEU A 237 -3.15 21.05 -22.64
C LEU A 237 -2.22 21.88 -23.62
N LEU A 238 -2.17 23.20 -23.47
CA LEU A 238 -1.34 24.01 -24.37
C LEU A 238 -0.24 24.81 -23.66
N HIS A 239 -0.47 25.13 -22.39
CA HIS A 239 0.51 25.89 -21.61
C HIS A 239 1.29 24.98 -20.62
N GLU A 240 2.56 24.75 -20.90
CA GLU A 240 3.34 23.74 -20.14
C GLU A 240 3.49 24.04 -18.64
N SER A 241 3.24 25.29 -18.23
CA SER A 241 3.46 25.72 -16.82
C SER A 241 2.18 25.65 -15.97
N LEU A 242 1.00 25.44 -16.59
CA LEU A 242 -0.29 25.54 -15.89
C LEU A 242 -0.97 24.20 -15.64
N PHE A 243 -1.56 24.09 -14.45
CA PHE A 243 -2.38 22.93 -14.18
C PHE A 243 -3.50 23.28 -13.20
N GLY A 244 -4.55 22.47 -13.16
CA GLY A 244 -5.67 22.69 -12.21
C GLY A 244 -5.74 21.52 -11.21
N SER A 245 -6.33 21.81 -10.06
CA SER A 245 -6.65 20.77 -9.10
C SER A 245 -8.04 20.99 -8.52
N VAL A 246 -8.70 19.89 -8.07
CA VAL A 246 -10.04 20.08 -7.44
C VAL A 246 -10.09 19.21 -6.21
N ALA A 247 -10.83 19.68 -5.20
CA ALA A 247 -10.77 18.90 -3.94
C ALA A 247 -12.12 18.87 -3.21
N ASP A 248 -12.15 18.19 -2.04
CA ASP A 248 -13.28 18.14 -1.17
C ASP A 248 -13.47 19.44 -0.48
N ASP A 249 -12.49 20.35 -0.54
CA ASP A 249 -12.76 21.73 0.00
C ASP A 249 -13.64 22.63 -0.91
N GLN A 250 -14.20 22.01 -1.95
CA GLN A 250 -15.09 22.66 -2.91
C GLN A 250 -14.43 23.62 -3.89
N LYS A 251 -13.10 23.60 -3.91
CA LYS A 251 -12.31 24.53 -4.70
C LYS A 251 -11.72 23.93 -5.96
N LEU A 252 -11.73 24.75 -7.01
CA LEU A 252 -10.78 24.55 -8.15
C LEU A 252 -9.60 25.52 -7.92
N MET A 253 -8.39 24.98 -8.04
CA MET A 253 -7.21 25.81 -7.94
C MET A 253 -6.47 25.75 -9.29
N ILE A 254 -5.96 26.92 -9.70
CA ILE A 254 -5.08 26.95 -10.88
C ILE A 254 -3.71 27.29 -10.43
N TRP A 255 -2.78 26.44 -10.82
CA TRP A 255 -1.39 26.60 -10.41
C TRP A 255 -0.49 26.92 -11.58
N ASP A 256 0.61 27.61 -11.27
CA ASP A 256 1.62 27.93 -12.31
C ASP A 256 2.96 27.38 -11.75
N THR A 257 3.60 26.42 -12.40
CA THR A 257 4.88 25.93 -11.88
C THR A 257 6.01 26.96 -11.83
N ARG A 258 5.88 28.07 -12.55
CA ARG A 258 6.86 29.20 -12.47
C ARG A 258 6.85 30.01 -11.15
N SER A 259 5.79 29.87 -10.38
CA SER A 259 5.64 30.59 -9.11
C SER A 259 6.53 29.94 -8.03
N ASN A 260 7.20 30.75 -7.19
CA ASN A 260 8.02 30.25 -6.06
C ASN A 260 7.19 29.73 -4.87
N ASN A 261 5.91 30.08 -4.87
CA ASN A 261 5.07 29.78 -3.75
C ASN A 261 4.26 28.52 -3.99
N THR A 262 4.51 27.44 -3.28
CA THR A 262 3.79 26.17 -3.52
C THR A 262 2.61 25.97 -2.56
N SER A 263 2.35 26.95 -1.72
CA SER A 263 1.28 26.81 -0.72
C SER A 263 0.02 27.62 -1.10
N LYS A 264 0.15 28.48 -2.12
CA LYS A 264 -0.93 29.38 -2.46
C LYS A 264 -1.02 29.34 -4.01
N PRO A 265 -2.17 28.88 -4.62
CA PRO A 265 -2.18 28.86 -6.12
C PRO A 265 -2.31 30.21 -6.81
N SER A 266 -2.31 30.26 -8.16
CA SER A 266 -2.50 31.59 -8.77
C SER A 266 -3.91 32.01 -8.64
N HIS A 267 -4.82 31.04 -8.75
CA HIS A 267 -6.25 31.33 -8.47
C HIS A 267 -6.87 30.26 -7.65
N SER A 268 -7.88 30.62 -6.88
CA SER A 268 -8.60 29.68 -6.00
C SER A 268 -10.05 30.05 -6.21
N VAL A 269 -10.85 29.09 -6.69
CA VAL A 269 -12.18 29.36 -7.16
C VAL A 269 -13.19 28.59 -6.26
N ASP A 270 -14.19 29.28 -5.70
CA ASP A 270 -15.26 28.59 -4.97
C ASP A 270 -16.16 27.95 -6.03
N ALA A 271 -15.96 26.68 -6.34
CA ALA A 271 -16.49 26.09 -7.58
C ALA A 271 -17.83 25.40 -7.50
N HIS A 272 -18.15 24.75 -6.37
CA HIS A 272 -19.35 23.91 -6.28
C HIS A 272 -19.88 23.96 -4.85
N THR A 273 -21.09 23.47 -4.64
CA THR A 273 -21.64 23.44 -3.30
C THR A 273 -21.37 22.07 -2.59
N ALA A 274 -20.44 21.29 -3.13
CA ALA A 274 -19.92 20.05 -2.44
C ALA A 274 -18.62 19.68 -3.07
N GLU A 275 -18.11 18.48 -2.72
CA GLU A 275 -16.80 18.02 -3.18
C GLU A 275 -16.68 18.09 -4.71
N VAL A 276 -15.49 18.49 -5.20
CA VAL A 276 -15.27 18.58 -6.66
C VAL A 276 -14.38 17.40 -6.96
N ASN A 277 -14.85 16.47 -7.79
CA ASN A 277 -14.16 15.21 -7.99
C ASN A 277 -13.28 15.07 -9.20
N CYS A 278 -13.51 15.91 -10.17
CA CYS A 278 -12.77 15.72 -11.47
C CYS A 278 -12.71 17.06 -12.20
N LEU A 279 -11.71 17.26 -13.06
CA LEU A 279 -11.75 18.39 -13.98
C LEU A 279 -11.10 17.96 -15.28
N SER A 280 -11.30 18.79 -16.30
CA SER A 280 -10.75 18.49 -17.63
C SER A 280 -10.62 19.79 -18.41
N PHE A 281 -9.46 19.98 -19.03
CA PHE A 281 -9.19 21.24 -19.76
C PHE A 281 -9.52 20.96 -21.20
N ASN A 282 -10.06 21.94 -21.90
CA ASN A 282 -10.56 21.72 -23.24
C ASN A 282 -9.33 21.68 -24.18
N PRO A 283 -9.19 20.68 -25.03
CA PRO A 283 -7.93 20.59 -25.85
C PRO A 283 -7.84 21.59 -27.01
N TYR A 284 -8.98 22.18 -27.34
CA TYR A 284 -9.07 23.06 -28.54
C TYR A 284 -9.39 24.51 -28.16
N SER A 285 -9.67 24.76 -26.86
CA SER A 285 -10.08 26.08 -26.41
C SER A 285 -9.24 26.40 -25.19
N GLU A 286 -8.23 27.22 -25.38
CA GLU A 286 -7.19 27.41 -24.34
C GLU A 286 -7.67 28.07 -23.02
N PHE A 287 -8.84 28.71 -23.04
CA PHE A 287 -9.28 29.41 -21.79
C PHE A 287 -10.32 28.60 -21.04
N ILE A 288 -10.78 27.48 -21.61
CA ILE A 288 -11.99 26.76 -21.13
C ILE A 288 -11.64 25.42 -20.40
N LEU A 289 -12.28 25.17 -19.28
CA LEU A 289 -12.19 23.88 -18.62
C LEU A 289 -13.53 23.59 -17.90
N ALA A 290 -13.68 22.36 -17.39
CA ALA A 290 -14.95 21.93 -16.77
C ALA A 290 -14.58 21.22 -15.49
N THR A 291 -15.48 21.28 -14.50
CA THR A 291 -15.32 20.49 -13.25
C THR A 291 -16.63 19.71 -12.98
N GLY A 292 -16.55 18.54 -12.28
CA GLY A 292 -17.71 17.74 -11.96
C GLY A 292 -17.68 17.47 -10.46
N SER A 293 -18.86 17.32 -9.87
CA SER A 293 -19.00 17.45 -8.40
C SER A 293 -20.05 16.58 -7.79
N ALA A 294 -19.88 16.32 -6.47
CA ALA A 294 -20.93 15.71 -5.66
C ALA A 294 -22.22 16.51 -5.64
N ASP A 295 -22.16 17.80 -6.02
CA ASP A 295 -23.40 18.59 -6.17
C ASP A 295 -24.25 18.22 -7.42
N LYS A 296 -23.80 17.20 -8.18
CA LYS A 296 -24.57 16.62 -9.30
C LYS A 296 -24.42 17.47 -10.59
N THR A 297 -23.53 18.46 -10.59
CA THR A 297 -23.44 19.31 -11.79
C THR A 297 -22.03 19.23 -12.41
N VAL A 298 -21.92 19.65 -13.68
CA VAL A 298 -20.62 19.92 -14.27
C VAL A 298 -20.59 21.44 -14.44
N ALA A 299 -19.53 22.12 -13.99
CA ALA A 299 -19.48 23.57 -14.16
C ALA A 299 -18.49 23.88 -15.34
N LEU A 300 -18.79 24.94 -16.07
CA LEU A 300 -17.90 25.40 -17.19
C LEU A 300 -17.20 26.68 -16.72
N TRP A 301 -15.89 26.75 -16.92
CA TRP A 301 -15.05 27.88 -16.43
C TRP A 301 -14.22 28.53 -17.56
N ASP A 302 -13.97 29.84 -17.39
CA ASP A 302 -13.05 30.54 -18.28
C ASP A 302 -11.90 31.10 -17.47
N LEU A 303 -10.67 30.75 -17.84
CA LEU A 303 -9.47 31.17 -17.09
C LEU A 303 -9.30 32.68 -17.06
N ARG A 304 -9.90 33.39 -18.02
CA ARG A 304 -9.77 34.89 -18.01
C ARG A 304 -10.57 35.60 -16.91
N ASN A 305 -11.60 34.95 -16.40
CA ASN A 305 -12.35 35.50 -15.25
C ASN A 305 -13.06 34.37 -14.52
N LEU A 306 -12.36 33.82 -13.53
CA LEU A 306 -12.86 32.69 -12.74
C LEU A 306 -13.79 33.08 -11.56
N LYS A 307 -14.12 34.36 -11.44
CA LYS A 307 -15.02 34.81 -10.37
C LYS A 307 -16.40 34.20 -10.60
N LEU A 308 -16.83 34.11 -11.86
CA LEU A 308 -18.19 33.71 -12.29
C LEU A 308 -18.12 32.39 -13.08
N LYS A 309 -18.87 31.36 -12.69
CA LYS A 309 -19.05 30.16 -13.50
C LYS A 309 -19.74 30.55 -14.86
N LEU A 310 -19.28 30.01 -15.99
CA LEU A 310 -19.92 30.28 -17.29
C LEU A 310 -21.26 29.58 -17.44
N HIS A 311 -21.33 28.33 -16.98
CA HIS A 311 -22.56 27.53 -17.17
C HIS A 311 -22.60 26.41 -16.16
N SER A 312 -23.81 25.91 -15.82
CA SER A 312 -23.90 24.72 -15.00
C SER A 312 -24.72 23.66 -15.81
N PHE A 313 -24.15 22.51 -16.10
CA PHE A 313 -24.82 21.45 -16.89
C PHE A 313 -25.49 20.55 -15.85
N GLU A 314 -26.82 20.45 -15.92
CA GLU A 314 -27.62 19.86 -14.82
C GLU A 314 -28.50 18.82 -15.48
N SER A 315 -28.41 17.62 -14.95
CA SER A 315 -29.25 16.48 -15.36
C SER A 315 -28.85 15.24 -14.54
N HIS A 316 -27.60 15.12 -14.08
CA HIS A 316 -27.20 13.89 -13.32
C HIS A 316 -28.04 13.90 -12.01
N LYS A 317 -28.31 12.71 -11.45
CA LYS A 317 -29.12 12.51 -10.26
C LYS A 317 -28.27 12.15 -9.02
N ASP A 318 -26.95 12.08 -9.19
CA ASP A 318 -26.07 11.70 -8.12
C ASP A 318 -24.63 12.19 -8.42
N GLU A 319 -23.74 11.91 -7.48
CA GLU A 319 -22.38 12.48 -7.50
C GLU A 319 -21.64 12.14 -8.85
N ILE A 320 -20.99 13.14 -9.43
CA ILE A 320 -20.22 12.94 -10.66
C ILE A 320 -18.76 12.64 -10.30
N PHE A 321 -18.21 11.57 -10.88
CA PHE A 321 -16.79 11.27 -10.68
C PHE A 321 -15.82 11.56 -11.85
N GLN A 322 -16.35 11.63 -13.07
CA GLN A 322 -15.45 11.81 -14.23
C GLN A 322 -16.08 12.80 -15.19
N VAL A 323 -15.24 13.61 -15.84
CA VAL A 323 -15.66 14.54 -16.91
C VAL A 323 -14.50 14.55 -17.93
N GLN A 324 -14.78 14.48 -19.23
CA GLN A 324 -13.72 14.52 -20.23
C GLN A 324 -14.27 15.26 -21.45
N TRP A 325 -13.46 16.15 -22.04
CA TRP A 325 -13.78 16.79 -23.32
C TRP A 325 -13.60 15.78 -24.43
N SER A 326 -14.43 15.88 -25.50
CA SER A 326 -14.23 15.13 -26.76
C SER A 326 -12.83 15.40 -27.36
N PRO A 327 -12.10 14.35 -27.77
CA PRO A 327 -10.82 14.54 -28.48
C PRO A 327 -11.01 15.09 -29.94
N HIS A 328 -12.28 15.20 -30.41
CA HIS A 328 -12.54 15.49 -31.85
C HIS A 328 -13.35 16.74 -32.02
N ASN A 329 -14.06 17.20 -30.98
CA ASN A 329 -15.08 18.28 -31.19
C ASN A 329 -15.04 19.20 -29.95
N GLU A 330 -14.63 20.44 -30.16
CA GLU A 330 -14.39 21.42 -29.09
C GLU A 330 -15.62 21.79 -28.25
N THR A 331 -16.83 21.54 -28.75
CA THR A 331 -18.03 21.93 -27.99
C THR A 331 -18.57 20.75 -27.16
N ILE A 332 -17.89 19.59 -27.24
CA ILE A 332 -18.47 18.31 -26.73
C ILE A 332 -17.71 17.83 -25.53
N LEU A 333 -18.48 17.53 -24.45
CA LEU A 333 -17.88 16.92 -23.26
C LEU A 333 -18.77 15.81 -22.73
N ALA A 334 -18.23 14.95 -21.86
CA ALA A 334 -19.06 13.94 -21.19
C ALA A 334 -18.72 13.84 -19.72
N SER A 335 -19.64 13.28 -18.95
CA SER A 335 -19.53 13.14 -17.49
C SER A 335 -20.18 11.85 -17.00
N SER A 336 -19.71 11.29 -15.89
CA SER A 336 -20.33 10.08 -15.41
C SER A 336 -20.18 9.99 -13.90
N GLY A 337 -20.89 9.06 -13.30
CA GLY A 337 -20.75 8.86 -11.85
C GLY A 337 -21.67 7.88 -11.21
N THR A 338 -22.06 8.20 -9.98
CA THR A 338 -22.83 7.32 -9.14
C THR A 338 -24.23 7.02 -9.63
N ASP A 339 -24.83 7.89 -10.43
CA ASP A 339 -26.20 7.61 -10.92
C ASP A 339 -26.20 6.61 -12.09
N ARG A 340 -25.02 6.06 -12.44
CA ARG A 340 -24.93 4.96 -13.44
C ARG A 340 -25.14 5.45 -14.87
N ARG A 341 -25.15 6.77 -15.04
CA ARG A 341 -25.45 7.35 -16.33
C ARG A 341 -24.21 8.03 -16.90
N LEU A 342 -24.06 8.02 -18.21
CA LEU A 342 -23.00 8.81 -18.79
C LEU A 342 -23.69 9.83 -19.70
N ASN A 343 -23.50 11.13 -19.42
CA ASN A 343 -24.21 12.18 -20.16
C ASN A 343 -23.21 12.84 -21.06
N VAL A 344 -23.65 13.11 -22.29
CA VAL A 344 -22.84 13.81 -23.28
C VAL A 344 -23.50 15.16 -23.53
N TRP A 345 -22.69 16.22 -23.47
CA TRP A 345 -23.18 17.58 -23.52
C TRP A 345 -22.60 18.30 -24.71
N ASP A 346 -23.31 19.28 -25.23
CA ASP A 346 -22.83 20.02 -26.40
C ASP A 346 -23.10 21.46 -26.07
N LEU A 347 -22.03 22.16 -25.74
CA LEU A 347 -22.17 23.54 -25.31
C LEU A 347 -22.68 24.51 -26.42
N SER A 348 -22.64 24.10 -27.69
CA SER A 348 -23.10 25.00 -28.77
C SER A 348 -24.61 25.12 -28.73
N LYS A 349 -25.28 24.24 -27.95
CA LYS A 349 -26.72 24.19 -27.85
C LYS A 349 -27.30 24.90 -26.61
N ILE A 350 -26.45 25.42 -25.70
CA ILE A 350 -26.92 26.20 -24.54
C ILE A 350 -27.82 27.32 -25.06
N GLY A 351 -28.99 27.49 -24.44
CA GLY A 351 -29.90 28.57 -24.84
C GLY A 351 -30.87 28.30 -25.96
N GLU A 352 -30.86 27.11 -26.53
CA GLU A 352 -31.67 26.84 -27.73
C GLU A 352 -33.11 26.52 -27.47
N GLU A 353 -33.98 27.07 -28.31
CA GLU A 353 -35.41 26.83 -28.23
C GLU A 353 -35.63 25.33 -28.39
N GLN A 354 -36.44 24.77 -27.44
CA GLN A 354 -36.91 23.36 -27.60
C GLN A 354 -38.44 23.23 -27.51
N SER A 355 -38.94 22.08 -27.96
CA SER A 355 -40.38 21.76 -27.90
C SER A 355 -40.83 21.46 -26.46
N GLU A 360 -37.24 19.75 -20.74
CA GLU A 360 -38.08 19.16 -21.75
C GLU A 360 -38.13 17.60 -21.54
N ASP A 361 -37.05 16.89 -21.92
CA ASP A 361 -36.62 15.61 -21.29
C ASP A 361 -35.32 15.96 -20.55
N GLY A 362 -34.99 17.24 -20.54
CA GLY A 362 -33.69 17.73 -20.15
C GLY A 362 -33.43 19.00 -20.92
N PRO A 363 -32.33 19.72 -20.59
CA PRO A 363 -31.97 21.00 -21.25
C PRO A 363 -31.49 20.76 -22.68
N PRO A 364 -31.47 21.79 -23.54
CA PRO A 364 -31.03 21.51 -24.93
C PRO A 364 -29.55 21.11 -25.08
N GLU A 365 -28.67 21.57 -24.18
CA GLU A 365 -27.26 21.15 -24.24
C GLU A 365 -27.04 19.70 -23.85
N LEU A 366 -28.07 18.98 -23.40
CA LEU A 366 -27.88 17.56 -23.14
C LEU A 366 -28.07 16.76 -24.46
N LEU A 367 -26.98 16.28 -25.03
CA LEU A 367 -27.04 15.66 -26.31
C LEU A 367 -27.50 14.23 -26.19
N PHE A 368 -27.09 13.51 -25.12
CA PHE A 368 -27.31 12.06 -25.06
C PHE A 368 -27.13 11.57 -23.64
N ILE A 369 -28.01 10.71 -23.20
CA ILE A 369 -27.81 10.00 -21.93
C ILE A 369 -27.49 8.52 -22.25
N HIS A 370 -26.32 8.04 -21.90
CA HIS A 370 -25.98 6.59 -22.01
C HIS A 370 -26.49 5.85 -20.77
N GLY A 371 -27.55 5.06 -20.93
CA GLY A 371 -28.18 4.30 -19.81
C GLY A 371 -27.84 2.80 -19.83
N GLY A 372 -26.73 2.40 -20.49
CA GLY A 372 -26.37 0.98 -20.53
C GLY A 372 -25.84 0.34 -19.22
N HIS A 373 -25.27 1.13 -18.32
CA HIS A 373 -24.67 0.57 -17.11
C HIS A 373 -25.71 0.43 -16.05
N THR A 374 -25.56 -0.61 -15.22
CA THR A 374 -26.48 -0.85 -14.13
C THR A 374 -25.75 -0.76 -12.77
N ALA A 375 -24.62 -0.08 -12.73
CA ALA A 375 -23.98 0.09 -11.46
C ALA A 375 -23.18 1.37 -11.66
N LYS A 376 -22.62 1.91 -10.58
CA LYS A 376 -21.80 3.12 -10.64
C LYS A 376 -20.72 3.02 -11.73
N ILE A 377 -20.55 4.08 -12.52
CA ILE A 377 -19.46 4.15 -13.54
C ILE A 377 -18.21 4.69 -12.85
N SER A 378 -17.14 3.89 -12.92
CA SER A 378 -15.88 4.24 -12.31
C SER A 378 -15.01 5.09 -13.24
N ASP A 379 -15.07 4.91 -14.56
CA ASP A 379 -14.14 5.75 -15.40
C ASP A 379 -14.66 5.62 -16.83
N PHE A 380 -14.24 6.51 -17.74
CA PHE A 380 -14.58 6.28 -19.16
C PHE A 380 -13.55 7.06 -20.00
N SER A 381 -13.48 6.76 -21.30
CA SER A 381 -12.47 7.32 -22.15
C SER A 381 -13.04 7.49 -23.56
N TRP A 382 -12.90 8.68 -24.14
CA TRP A 382 -13.17 8.83 -25.57
C TRP A 382 -12.07 8.23 -26.43
N ASN A 383 -12.48 7.44 -27.41
CA ASN A 383 -11.54 6.88 -28.36
C ASN A 383 -10.94 8.00 -29.24
N PRO A 384 -9.60 8.13 -29.28
CA PRO A 384 -8.98 9.31 -29.93
C PRO A 384 -8.82 9.08 -31.44
N ASN A 385 -9.12 7.85 -31.89
CA ASN A 385 -9.03 7.46 -33.29
C ASN A 385 -10.36 7.25 -34.01
N GLU A 386 -11.46 6.95 -33.30
CA GLU A 386 -12.74 6.79 -34.00
C GLU A 386 -13.73 7.68 -33.33
N PRO A 387 -14.14 8.76 -34.04
CA PRO A 387 -15.03 9.75 -33.42
C PRO A 387 -16.25 9.12 -32.81
N TRP A 388 -16.59 9.61 -31.61
CA TRP A 388 -17.85 9.30 -30.87
C TRP A 388 -17.82 7.91 -30.19
N VAL A 389 -16.80 7.10 -30.43
CA VAL A 389 -16.65 5.82 -29.68
C VAL A 389 -16.20 6.10 -28.23
N ILE A 390 -16.90 5.57 -27.24
CA ILE A 390 -16.47 5.74 -25.83
C ILE A 390 -16.32 4.36 -25.20
N CYS A 391 -15.35 4.21 -24.31
CA CYS A 391 -15.33 3.03 -23.45
C CYS A 391 -15.68 3.45 -22.04
N SER A 392 -16.65 2.77 -21.42
CA SER A 392 -17.03 3.10 -20.00
C SER A 392 -17.02 1.82 -19.17
N VAL A 393 -16.56 1.92 -17.92
CA VAL A 393 -16.47 0.79 -17.02
C VAL A 393 -17.16 1.04 -15.70
N SER A 394 -17.82 0.01 -15.21
CA SER A 394 -18.64 0.11 -13.98
C SER A 394 -18.28 -0.92 -12.93
N GLU A 395 -18.79 -0.65 -11.71
CA GLU A 395 -18.45 -1.38 -10.51
C GLU A 395 -18.82 -2.84 -10.50
N ASP A 396 -19.75 -3.16 -11.37
CA ASP A 396 -20.26 -4.53 -11.55
C ASP A 396 -19.50 -5.37 -12.61
N ASN A 397 -18.36 -4.89 -13.07
CA ASN A 397 -17.37 -5.66 -13.88
C ASN A 397 -17.56 -5.39 -15.39
N ILE A 398 -18.64 -4.68 -15.73
CA ILE A 398 -19.02 -4.41 -17.10
C ILE A 398 -18.12 -3.31 -17.71
N MET A 399 -17.61 -3.62 -18.89
CA MET A 399 -16.98 -2.68 -19.77
C MET A 399 -17.88 -2.52 -21.01
N GLN A 400 -18.24 -1.28 -21.37
CA GLN A 400 -19.03 -1.11 -22.62
C GLN A 400 -18.25 -0.26 -23.58
N VAL A 401 -18.31 -0.65 -24.86
CA VAL A 401 -17.67 0.14 -25.94
C VAL A 401 -18.85 0.46 -26.84
N TRP A 402 -19.09 1.75 -27.06
CA TRP A 402 -20.35 2.17 -27.72
C TRP A 402 -20.17 3.47 -28.46
N GLN A 403 -21.11 3.72 -29.35
CA GLN A 403 -21.08 4.92 -30.20
C GLN A 403 -22.53 5.26 -30.43
N MET A 404 -22.94 6.45 -29.98
CA MET A 404 -24.34 6.91 -30.24
C MET A 404 -24.63 7.00 -31.74
N ALA A 405 -25.90 6.91 -32.11
CA ALA A 405 -26.29 6.99 -33.52
C ALA A 405 -25.90 8.33 -34.14
N GLU A 406 -25.39 8.26 -35.37
CA GLU A 406 -24.97 9.44 -36.11
C GLU A 406 -26.04 10.55 -36.19
N ASN A 407 -27.31 10.19 -36.36
CA ASN A 407 -28.38 11.21 -36.46
C ASN A 407 -28.49 12.09 -35.19
N ILE A 408 -28.05 11.57 -34.05
CA ILE A 408 -28.14 12.32 -32.78
C ILE A 408 -27.23 13.56 -32.79
N TYR A 409 -25.96 13.39 -33.15
CA TYR A 409 -25.08 14.56 -33.26
C TYR A 409 -25.05 15.22 -34.62
N ASN A 410 -25.65 14.56 -35.61
CA ASN A 410 -25.71 15.08 -36.97
C ASN A 410 -27.10 15.62 -37.29
N ALA B 11 12.98 -5.57 44.72
CA ALA B 11 11.96 -4.91 43.87
C ALA B 11 12.35 -3.41 43.67
N VAL B 12 12.24 -2.67 44.77
CA VAL B 12 12.85 -1.36 44.92
C VAL B 12 14.41 -1.41 44.76
N GLU B 13 15.02 -2.58 44.98
CA GLU B 13 16.45 -2.75 44.72
C GLU B 13 16.83 -2.60 43.22
N GLU B 14 15.83 -2.38 42.33
CA GLU B 14 15.94 -1.66 41.03
C GLU B 14 16.47 -0.19 41.04
N ARG B 15 17.17 0.20 42.09
CA ARG B 15 17.99 1.38 41.92
C ARG B 15 19.30 1.02 41.17
N VAL B 16 19.57 -0.28 41.02
CA VAL B 16 20.60 -0.78 40.12
C VAL B 16 20.30 -0.24 38.74
N ILE B 17 19.08 -0.52 38.27
CA ILE B 17 18.61 -0.10 36.94
C ILE B 17 18.70 1.40 36.72
N ASN B 18 18.31 2.15 37.75
CA ASN B 18 18.33 3.60 37.74
C ASN B 18 19.78 4.13 37.57
N GLU B 19 20.70 3.45 38.24
CA GLU B 19 22.13 3.74 38.18
C GLU B 19 22.71 3.44 36.78
N GLU B 20 22.43 2.25 36.23
CA GLU B 20 22.81 1.91 34.85
C GLU B 20 22.27 2.92 33.83
N TYR B 21 21.00 3.29 34.01
CA TYR B 21 20.38 4.31 33.19
C TYR B 21 21.08 5.70 33.19
N LYS B 22 21.39 6.23 34.38
CA LYS B 22 22.20 7.48 34.47
C LYS B 22 23.59 7.40 33.81
N ILE B 23 24.28 6.30 34.00
CA ILE B 23 25.56 6.11 33.28
C ILE B 23 25.35 6.08 31.76
N TRP B 24 24.29 5.39 31.30
CA TRP B 24 23.97 5.30 29.84
C TRP B 24 23.67 6.73 29.27
N LYS B 25 22.80 7.44 29.97
CA LYS B 25 22.45 8.79 29.60
C LYS B 25 23.73 9.68 29.50
N LYS B 26 24.58 9.67 30.52
CA LYS B 26 25.83 10.49 30.46
C LYS B 26 26.62 10.14 29.18
N ASN B 27 26.66 8.85 28.80
CA ASN B 27 27.53 8.43 27.71
C ASN B 27 26.98 8.48 26.30
N THR B 28 25.68 8.83 26.12
CA THR B 28 25.07 8.89 24.78
C THR B 28 25.76 9.84 23.75
N PRO B 29 26.33 11.00 24.17
CA PRO B 29 26.98 11.79 23.11
C PRO B 29 28.19 11.07 22.48
N PHE B 30 28.81 10.15 23.23
CA PHE B 30 30.00 9.43 22.79
C PHE B 30 29.59 8.13 22.05
N LEU B 31 28.39 7.60 22.34
CA LEU B 31 28.08 6.26 21.86
C LEU B 31 27.13 6.19 20.68
N TYR B 32 26.38 7.26 20.38
CA TYR B 32 25.32 7.16 19.32
C TYR B 32 25.50 8.25 18.29
N ASP B 33 25.10 8.01 17.06
CA ASP B 33 24.99 9.15 16.12
C ASP B 33 23.55 9.67 16.19
N LEU B 34 22.63 8.84 16.73
CA LEU B 34 21.21 9.18 16.84
C LEU B 34 20.64 8.43 18.05
N VAL B 35 19.81 9.10 18.84
CA VAL B 35 19.04 8.43 19.90
C VAL B 35 17.75 9.23 20.13
N MET B 36 16.62 8.62 19.80
CA MET B 36 15.29 9.24 19.95
C MET B 36 14.47 8.30 20.81
N THR B 37 13.72 8.86 21.76
CA THR B 37 13.04 8.07 22.81
C THR B 37 11.60 8.57 22.84
N HIS B 38 10.64 7.68 22.72
CA HIS B 38 9.24 8.07 22.75
C HIS B 38 8.49 7.16 23.75
N ALA B 39 7.72 7.72 24.64
CA ALA B 39 6.91 6.86 25.55
C ALA B 39 5.51 6.65 24.95
N LEU B 40 5.21 5.42 24.55
CA LEU B 40 3.90 5.06 24.00
C LEU B 40 2.82 5.02 25.09
N GLU B 41 1.58 5.33 24.74
CA GLU B 41 0.47 5.23 25.70
C GLU B 41 0.45 3.86 26.38
N TRP B 42 0.65 2.79 25.60
CA TRP B 42 0.81 1.40 26.09
C TRP B 42 2.09 0.81 25.47
N PRO B 43 2.73 -0.19 26.13
CA PRO B 43 3.87 -0.90 25.50
C PRO B 43 3.44 -1.64 24.25
N SER B 44 4.36 -1.72 23.29
CA SER B 44 4.22 -2.58 22.12
C SER B 44 4.98 -3.86 22.33
N LEU B 45 4.33 -5.00 22.01
CA LEU B 45 5.03 -6.28 21.97
C LEU B 45 5.79 -6.49 20.62
N THR B 46 5.57 -5.60 19.66
CA THR B 46 6.01 -5.87 18.28
C THR B 46 6.57 -4.61 17.64
N ALA B 47 7.53 -4.77 16.73
CA ALA B 47 7.96 -3.63 15.91
C ALA B 47 8.47 -4.13 14.57
N GLN B 48 8.08 -3.43 13.50
CA GLN B 48 8.63 -3.75 12.18
C GLN B 48 8.54 -2.50 11.30
N TRP B 49 9.66 -2.12 10.69
CA TRP B 49 9.64 -0.98 9.76
C TRP B 49 8.88 -1.40 8.52
N LEU B 50 8.02 -0.50 8.02
CA LEU B 50 7.48 -0.63 6.66
C LEU B 50 8.56 -0.31 5.65
N PRO B 51 8.40 -0.81 4.42
CA PRO B 51 9.54 -0.68 3.50
C PRO B 51 9.76 0.71 2.92
N ASP B 52 8.79 1.63 3.06
CA ASP B 52 8.86 2.88 2.27
C ASP B 52 9.67 3.95 3.03
N VAL B 53 10.55 4.63 2.33
CA VAL B 53 11.12 5.84 2.90
C VAL B 53 10.78 7.03 1.95
N THR B 54 10.49 8.20 2.52
CA THR B 54 10.26 9.41 1.71
C THR B 54 11.34 10.47 2.08
N ARG B 55 11.98 11.04 1.09
CA ARG B 55 13.02 12.05 1.34
C ARG B 55 12.58 13.34 0.68
N PRO B 56 11.80 14.16 1.40
CA PRO B 56 11.24 15.35 0.76
C PRO B 56 12.31 16.39 0.31
N GLU B 57 12.21 16.85 -0.96
CA GLU B 57 13.14 17.86 -1.47
C GLU B 57 12.98 19.14 -0.62
N GLY B 58 14.11 19.78 -0.30
CA GLY B 58 14.09 20.98 0.56
C GLY B 58 14.01 20.71 2.07
N LYS B 59 13.83 19.47 2.52
CA LYS B 59 13.82 19.18 3.97
C LYS B 59 15.12 18.53 4.51
N ASP B 60 15.32 18.63 5.83
CA ASP B 60 16.54 18.18 6.55
C ASP B 60 16.42 16.75 7.08
N PHE B 61 15.36 16.04 6.65
CA PHE B 61 14.94 14.79 7.24
C PHE B 61 14.31 13.89 6.20
N SER B 62 14.28 12.62 6.54
CA SER B 62 13.54 11.59 5.76
C SER B 62 12.38 11.03 6.61
N ILE B 63 11.35 10.49 5.96
CA ILE B 63 10.16 9.95 6.63
C ILE B 63 10.05 8.44 6.47
N HIS B 64 9.94 7.73 7.62
CA HIS B 64 9.90 6.28 7.68
C HIS B 64 8.66 5.92 8.51
N ARG B 65 8.24 4.64 8.41
CA ARG B 65 7.01 4.19 9.09
C ARG B 65 7.22 2.84 9.76
N LEU B 66 6.47 2.65 10.86
CA LEU B 66 6.59 1.46 11.72
C LEU B 66 5.26 0.77 11.94
N VAL B 67 5.27 -0.56 11.93
CA VAL B 67 4.10 -1.30 12.37
C VAL B 67 4.36 -1.59 13.89
N LEU B 68 3.41 -1.20 14.74
CA LEU B 68 3.50 -1.42 16.19
C LEU B 68 2.14 -1.93 16.67
N GLY B 69 2.04 -2.28 17.97
CA GLY B 69 0.81 -2.81 18.48
C GLY B 69 0.68 -2.21 19.87
N THR B 70 -0.42 -2.50 20.56
CA THR B 70 -0.50 -2.16 21.95
C THR B 70 -0.62 -3.44 22.76
N HIS B 71 -0.40 -3.32 24.09
CA HIS B 71 -0.56 -4.42 25.05
C HIS B 71 -1.15 -3.71 26.25
N THR B 72 -2.42 -3.95 26.55
CA THR B 72 -3.05 -3.13 27.62
C THR B 72 -3.40 -3.92 28.88
N SER B 73 -3.67 -3.20 29.93
CA SER B 73 -4.29 -3.83 31.06
C SER B 73 -5.81 -3.74 31.00
N ASP B 74 -6.46 -4.73 30.38
CA ASP B 74 -7.94 -4.77 30.34
C ASP B 74 -8.46 -3.43 29.74
N GLU B 75 -7.91 -3.06 28.58
CA GLU B 75 -8.36 -1.83 27.86
C GLU B 75 -8.33 -2.07 26.35
N GLN B 76 -8.95 -1.19 25.56
CA GLN B 76 -9.02 -1.43 24.12
C GLN B 76 -7.63 -1.48 23.50
N ASN B 77 -7.33 -2.54 22.73
CA ASN B 77 -6.09 -2.57 21.95
C ASN B 77 -6.23 -2.08 20.52
N HIS B 78 -5.09 -1.65 19.94
CA HIS B 78 -4.97 -1.22 18.53
C HIS B 78 -3.73 -1.79 17.82
N LEU B 79 -3.90 -2.07 16.54
CA LEU B 79 -2.80 -2.18 15.61
C LEU B 79 -2.42 -0.74 15.19
N VAL B 80 -1.14 -0.44 15.17
CA VAL B 80 -0.74 0.93 15.05
C VAL B 80 0.26 1.11 13.88
N ILE B 81 0.02 2.12 13.04
CA ILE B 81 1.09 2.55 12.10
C ILE B 81 1.62 3.92 12.57
N ALA B 82 2.95 3.99 12.82
CA ALA B 82 3.59 5.24 13.33
C ALA B 82 4.56 5.78 12.30
N SER B 83 4.63 7.11 12.21
CA SER B 83 5.50 7.76 11.27
C SER B 83 6.68 8.38 12.06
N VAL B 84 7.87 8.36 11.48
CA VAL B 84 9.10 8.70 12.17
C VAL B 84 9.92 9.52 11.21
N GLN B 85 10.36 10.70 11.63
CA GLN B 85 11.28 11.54 10.86
C GLN B 85 12.68 11.33 11.39
N LEU B 86 13.65 11.17 10.52
CA LEU B 86 15.04 10.98 10.89
C LEU B 86 15.84 12.04 10.22
N PRO B 87 16.79 12.65 10.95
CA PRO B 87 17.69 13.63 10.37
C PRO B 87 18.54 13.00 9.26
N ASN B 88 18.84 13.75 8.22
CA ASN B 88 19.72 13.31 7.13
C ASN B 88 21.15 13.01 7.55
N LYS B 114 10.72 13.49 15.13
CA LYS B 114 9.31 13.49 15.50
C LYS B 114 8.70 12.13 15.22
N ILE B 115 7.90 11.65 16.16
CA ILE B 115 7.25 10.36 16.06
C ILE B 115 5.76 10.57 16.25
N GLU B 116 4.98 10.32 15.21
CA GLU B 116 3.54 10.63 15.16
C GLU B 116 2.80 9.32 14.89
N ILE B 117 1.59 9.13 15.44
CA ILE B 117 0.77 7.94 15.06
C ILE B 117 -0.02 8.31 13.79
N GLU B 118 0.00 7.45 12.78
CA GLU B 118 -0.74 7.66 11.55
C GLU B 118 -2.15 7.09 11.70
N ILE B 119 -2.26 5.79 11.92
CA ILE B 119 -3.59 5.17 12.16
C ILE B 119 -3.56 4.22 13.34
N LYS B 120 -4.70 4.13 14.00
CA LYS B 120 -4.92 3.08 15.03
C LYS B 120 -6.15 2.30 14.58
N ILE B 121 -6.02 0.99 14.50
CA ILE B 121 -7.11 0.11 14.10
C ILE B 121 -7.53 -0.81 15.25
N ASN B 122 -8.83 -0.88 15.57
CA ASN B 122 -9.31 -1.74 16.68
C ASN B 122 -8.84 -3.18 16.51
N HIS B 123 -8.25 -3.70 17.59
CA HIS B 123 -7.69 -5.00 17.63
C HIS B 123 -8.23 -5.71 18.89
N GLU B 124 -8.55 -6.99 18.73
CA GLU B 124 -9.15 -7.77 19.83
C GLU B 124 -8.03 -8.45 20.66
N GLY B 125 -7.84 -7.94 21.86
CA GLY B 125 -6.70 -8.30 22.70
C GLY B 125 -5.38 -7.65 22.24
N GLU B 126 -4.29 -7.93 22.96
CA GLU B 126 -3.02 -7.32 22.59
C GLU B 126 -2.55 -7.90 21.27
N VAL B 127 -1.69 -7.15 20.62
CA VAL B 127 -1.07 -7.56 19.35
C VAL B 127 0.23 -8.30 19.73
N ASN B 128 0.20 -9.63 19.73
CA ASN B 128 1.45 -10.37 20.06
C ASN B 128 2.55 -10.11 19.04
N ARG B 129 2.16 -9.96 17.76
CA ARG B 129 3.11 -9.79 16.67
C ARG B 129 2.33 -9.21 15.52
N ALA B 130 2.94 -8.26 14.80
CA ALA B 130 2.35 -7.79 13.51
C ALA B 130 3.48 -7.68 12.45
N ARG B 131 3.15 -8.11 11.22
CA ARG B 131 4.14 -8.22 10.13
C ARG B 131 3.46 -7.91 8.82
N TYR B 132 4.10 -7.08 8.01
CA TYR B 132 3.50 -6.70 6.71
C TYR B 132 3.87 -7.69 5.56
N MET B 133 3.03 -7.76 4.56
CA MET B 133 3.25 -8.66 3.46
C MET B 133 4.09 -7.93 2.39
N PRO B 134 5.28 -8.46 2.04
CA PRO B 134 6.16 -7.71 1.08
C PRO B 134 5.54 -7.42 -0.31
N GLN B 135 4.67 -8.28 -0.82
CA GLN B 135 4.12 -8.08 -2.16
C GLN B 135 2.94 -7.06 -2.23
N ASN B 136 2.39 -6.73 -1.05
CA ASN B 136 1.40 -5.67 -0.92
C ASN B 136 1.48 -5.18 0.53
N PRO B 137 2.35 -4.19 0.78
CA PRO B 137 2.65 -3.80 2.14
C PRO B 137 1.53 -3.03 2.89
N CYS B 138 0.36 -2.84 2.26
CA CYS B 138 -0.94 -2.42 2.93
C CYS B 138 -1.49 -3.55 3.81
N ILE B 139 -0.98 -4.77 3.60
CA ILE B 139 -1.54 -5.99 4.19
C ILE B 139 -0.73 -6.43 5.40
N ILE B 140 -1.40 -6.48 6.56
CA ILE B 140 -0.73 -6.78 7.82
C ILE B 140 -1.38 -7.98 8.53
N ALA B 141 -0.58 -8.98 8.87
CA ALA B 141 -1.09 -10.10 9.65
C ALA B 141 -0.78 -9.84 11.12
N THR B 142 -1.65 -10.26 12.04
CA THR B 142 -1.34 -10.10 13.47
C THR B 142 -1.68 -11.36 14.21
N LYS B 143 -0.97 -11.57 15.32
CA LYS B 143 -1.25 -12.63 16.23
C LYS B 143 -1.95 -12.01 17.43
N THR B 144 -3.04 -12.62 17.84
CA THR B 144 -3.83 -12.17 18.98
C THR B 144 -3.73 -13.15 20.19
N PRO B 145 -4.33 -12.79 21.36
CA PRO B 145 -4.31 -13.74 22.47
C PRO B 145 -5.29 -14.89 22.33
N SER B 146 -6.08 -14.95 21.26
CA SER B 146 -6.96 -16.12 21.11
C SER B 146 -6.37 -16.84 19.85
N SER B 147 -7.02 -17.89 19.36
CA SER B 147 -6.41 -18.68 18.28
C SER B 147 -6.37 -18.15 16.83
N ASP B 148 -7.27 -17.23 16.46
CA ASP B 148 -7.36 -16.75 15.07
C ASP B 148 -6.15 -15.90 14.77
N VAL B 149 -5.60 -16.04 13.56
CA VAL B 149 -4.65 -15.08 13.08
C VAL B 149 -5.47 -14.16 12.21
N LEU B 150 -5.21 -12.87 12.36
CA LEU B 150 -5.99 -11.87 11.65
C LEU B 150 -5.22 -11.21 10.53
N VAL B 151 -5.97 -10.77 9.51
CA VAL B 151 -5.40 -10.01 8.40
C VAL B 151 -6.15 -8.71 8.22
N PHE B 152 -5.37 -7.63 8.19
CA PHE B 152 -5.89 -6.29 7.91
C PHE B 152 -5.24 -5.68 6.67
N ASP B 153 -6.05 -5.06 5.81
CA ASP B 153 -5.55 -4.08 4.83
C ASP B 153 -5.78 -2.72 5.49
N TYR B 154 -4.70 -2.09 6.00
CA TYR B 154 -4.85 -0.90 6.77
C TYR B 154 -5.49 0.24 6.04
N THR B 155 -5.45 0.23 4.70
CA THR B 155 -6.10 1.30 3.92
C THR B 155 -7.64 1.15 3.89
N LYS B 156 -8.16 -0.02 4.36
CA LYS B 156 -9.63 -0.23 4.34
C LYS B 156 -10.32 0.01 5.68
N HIS B 157 -9.68 0.73 6.59
CA HIS B 157 -10.22 0.96 7.95
C HIS B 157 -10.36 2.44 8.19
N PRO B 158 -11.35 2.86 9.04
CA PRO B 158 -11.60 4.27 9.27
C PRO B 158 -10.40 4.92 9.87
N SER B 159 -10.20 6.17 9.47
CA SER B 159 -9.14 7.07 9.95
C SER B 159 -8.89 7.08 11.47
N LYS B 160 -9.96 7.23 12.25
CA LYS B 160 -9.88 7.17 13.71
C LYS B 160 -10.55 5.86 14.05
N PRO B 161 -10.11 5.18 15.12
CA PRO B 161 -10.72 3.85 15.36
C PRO B 161 -12.25 3.87 15.63
N ASP B 162 -12.95 2.85 15.15
CA ASP B 162 -14.41 2.72 15.41
C ASP B 162 -14.74 2.83 16.94
N PRO B 163 -15.52 3.86 17.34
CA PRO B 163 -15.79 4.05 18.77
C PRO B 163 -16.48 2.81 19.32
N SER B 164 -17.15 2.09 18.41
CA SER B 164 -17.75 0.79 18.71
C SER B 164 -16.81 -0.11 19.53
N GLY B 165 -15.52 -0.02 19.24
CA GLY B 165 -14.53 -0.82 19.95
C GLY B 165 -14.32 -2.12 19.21
N GLU B 166 -15.31 -2.51 18.39
CA GLU B 166 -15.26 -3.83 17.73
C GLU B 166 -14.15 -4.00 16.68
N CYS B 167 -13.63 -5.21 16.65
CA CYS B 167 -12.54 -5.55 15.75
C CYS B 167 -13.18 -6.16 14.52
N ASN B 168 -12.86 -5.61 13.34
CA ASN B 168 -13.41 -6.06 12.05
C ASN B 168 -12.28 -6.37 11.07
N PRO B 169 -11.64 -7.54 11.26
CA PRO B 169 -10.56 -7.85 10.38
C PRO B 169 -11.02 -8.26 8.95
N ASP B 170 -10.13 -8.02 8.00
CA ASP B 170 -10.42 -8.37 6.63
C ASP B 170 -10.49 -9.89 6.43
N LEU B 171 -9.67 -10.63 7.16
CA LEU B 171 -9.67 -12.10 7.13
C LEU B 171 -9.42 -12.63 8.53
N ARG B 172 -10.03 -13.76 8.88
CA ARG B 172 -9.71 -14.49 10.15
C ARG B 172 -9.19 -15.84 9.69
N LEU B 173 -7.97 -16.14 10.09
CA LEU B 173 -7.26 -17.35 9.67
C LEU B 173 -7.34 -18.37 10.81
N ARG B 174 -8.06 -19.45 10.54
CA ARG B 174 -8.36 -20.49 11.51
C ARG B 174 -7.45 -21.71 11.31
N GLY B 175 -7.15 -22.42 12.40
CA GLY B 175 -6.23 -23.55 12.36
C GLY B 175 -5.58 -23.83 13.72
N HIS B 176 -5.15 -22.78 14.43
CA HIS B 176 -4.63 -22.90 15.78
C HIS B 176 -5.70 -23.09 16.85
N GLN B 177 -5.27 -23.68 17.97
CA GLN B 177 -6.11 -23.84 19.11
C GLN B 177 -5.67 -22.94 20.28
N LYS B 178 -4.57 -22.20 20.10
CA LYS B 178 -4.04 -21.31 21.13
C LYS B 178 -3.25 -20.16 20.47
N GLU B 179 -3.04 -19.09 21.23
CA GLU B 179 -2.22 -17.93 20.80
C GLU B 179 -0.76 -18.37 20.52
N GLY B 180 -0.04 -17.51 19.82
CA GLY B 180 1.36 -17.76 19.55
C GLY B 180 2.05 -16.44 19.19
N TYR B 181 3.30 -16.58 18.79
CA TYR B 181 4.10 -15.42 18.41
C TYR B 181 4.57 -15.48 16.96
N GLY B 182 5.12 -16.60 16.54
CA GLY B 182 5.85 -16.62 15.25
C GLY B 182 4.91 -16.32 14.07
N LEU B 183 5.35 -15.48 13.14
CA LEU B 183 4.50 -15.07 12.05
C LEU B 183 5.47 -14.76 10.86
N SER B 184 5.26 -15.37 9.69
CA SER B 184 6.18 -15.07 8.60
C SER B 184 5.55 -15.08 7.21
N TRP B 185 5.68 -14.00 6.45
CA TRP B 185 5.17 -14.00 5.08
C TRP B 185 6.22 -14.51 4.07
N ASN B 186 5.81 -15.34 3.11
CA ASN B 186 6.78 -15.87 2.15
C ASN B 186 7.15 -14.75 1.17
N PRO B 187 8.45 -14.34 1.16
CA PRO B 187 8.83 -13.26 0.23
C PRO B 187 8.92 -13.65 -1.28
N ASN B 188 8.72 -14.95 -1.58
CA ASN B 188 8.83 -15.45 -2.96
C ASN B 188 7.50 -15.98 -3.45
N LEU B 189 6.47 -16.02 -2.58
CA LEU B 189 5.14 -16.47 -2.99
C LEU B 189 4.12 -15.62 -2.28
N SER B 190 3.41 -14.77 -3.04
CA SER B 190 2.48 -13.83 -2.43
C SER B 190 1.29 -14.46 -1.66
N GLY B 191 1.05 -14.01 -0.44
CA GLY B 191 -0.09 -14.47 0.39
C GLY B 191 0.10 -15.76 1.16
N HIS B 192 1.28 -16.39 1.06
CA HIS B 192 1.58 -17.58 1.86
C HIS B 192 2.15 -17.20 3.26
N LEU B 193 1.37 -17.47 4.32
CA LEU B 193 1.64 -17.01 5.66
C LEU B 193 1.84 -18.20 6.56
N LEU B 194 2.97 -18.23 7.29
CA LEU B 194 3.20 -19.23 8.38
C LEU B 194 2.97 -18.58 9.71
N SER B 195 2.49 -19.38 10.66
CA SER B 195 2.22 -18.96 12.03
C SER B 195 2.63 -20.07 12.97
N ALA B 196 3.23 -19.67 14.11
CA ALA B 196 3.63 -20.65 15.17
C ALA B 196 2.71 -20.50 16.37
N SER B 197 2.32 -21.60 17.03
CA SER B 197 1.41 -21.47 18.16
C SER B 197 1.89 -22.21 19.45
N ASP B 198 1.43 -21.71 20.59
CA ASP B 198 1.51 -22.46 21.84
C ASP B 198 0.77 -23.83 21.76
N ASP B 199 0.01 -24.10 20.70
CA ASP B 199 -0.62 -25.45 20.62
C ASP B 199 0.32 -26.51 19.98
N HIS B 200 1.59 -26.18 19.81
CA HIS B 200 2.64 -27.09 19.30
C HIS B 200 2.66 -27.23 17.77
N THR B 201 1.89 -26.40 17.05
CA THR B 201 1.70 -26.58 15.60
C THR B 201 2.13 -25.35 14.85
N ILE B 202 2.44 -25.55 13.57
CA ILE B 202 2.62 -24.46 12.61
C ILE B 202 1.54 -24.51 11.59
N CYS B 203 0.87 -23.38 11.38
CA CYS B 203 -0.15 -23.33 10.35
C CYS B 203 0.30 -22.60 9.05
N LEU B 204 -0.16 -23.05 7.91
CA LEU B 204 0.10 -22.31 6.65
C LEU B 204 -1.21 -21.95 6.00
N TRP B 205 -1.36 -20.69 5.61
CA TRP B 205 -2.52 -20.25 4.82
C TRP B 205 -2.01 -19.64 3.54
N ASP B 206 -2.73 -19.87 2.43
CA ASP B 206 -2.45 -19.14 1.17
C ASP B 206 -3.64 -18.22 0.93
N ILE B 207 -3.47 -16.92 1.20
CA ILE B 207 -4.56 -15.94 1.06
C ILE B 207 -4.57 -15.22 -0.32
N SER B 208 -3.70 -15.67 -1.23
CA SER B 208 -3.53 -14.91 -2.44
C SER B 208 -4.85 -14.83 -3.23
N ALA B 209 -5.67 -15.90 -3.17
CA ALA B 209 -6.89 -15.95 -3.97
C ALA B 209 -8.13 -16.06 -3.09
N VAL B 210 -8.02 -15.58 -1.85
CA VAL B 210 -9.17 -15.61 -0.95
C VAL B 210 -9.84 -14.23 -0.83
N PRO B 211 -11.14 -14.16 -1.18
CA PRO B 211 -11.92 -12.95 -0.94
C PRO B 211 -11.83 -12.51 0.54
N LYS B 212 -11.47 -11.25 0.78
CA LYS B 212 -11.43 -10.69 2.17
C LYS B 212 -12.84 -10.29 2.55
N GLU B 213 -13.63 -11.21 3.07
CA GLU B 213 -15.00 -10.89 3.48
C GLU B 213 -15.19 -10.85 4.97
N GLY B 214 -14.09 -10.65 5.70
CA GLY B 214 -14.15 -10.73 7.13
C GLY B 214 -14.55 -12.11 7.64
N LYS B 215 -14.55 -13.11 6.75
CA LYS B 215 -14.90 -14.46 7.19
C LYS B 215 -13.66 -15.37 7.39
N VAL B 216 -13.93 -16.56 7.96
CA VAL B 216 -12.93 -17.56 8.34
C VAL B 216 -12.31 -18.30 7.15
N VAL B 217 -10.99 -18.44 7.13
CA VAL B 217 -10.24 -19.16 6.10
C VAL B 217 -9.45 -20.29 6.83
N ASP B 218 -9.61 -21.53 6.36
CA ASP B 218 -8.98 -22.69 7.01
C ASP B 218 -7.56 -22.89 6.54
N ALA B 219 -6.71 -23.35 7.45
CA ALA B 219 -5.30 -23.56 7.15
C ALA B 219 -5.18 -24.49 5.97
N LYS B 220 -4.26 -24.16 5.09
CA LYS B 220 -3.93 -25.07 4.03
C LYS B 220 -3.20 -26.34 4.54
N THR B 221 -2.28 -26.17 5.49
CA THR B 221 -1.44 -27.27 5.94
C THR B 221 -1.15 -26.99 7.40
N ILE B 222 -1.07 -28.04 8.20
CA ILE B 222 -0.71 -27.91 9.60
C ILE B 222 0.52 -28.82 9.86
N PHE B 223 1.61 -28.25 10.37
CA PHE B 223 2.83 -29.00 10.62
C PHE B 223 2.95 -29.32 12.14
N THR B 224 3.28 -30.57 12.45
CA THR B 224 3.02 -31.14 13.80
C THR B 224 4.31 -31.81 14.32
N GLY B 225 5.46 -31.39 13.80
CA GLY B 225 6.72 -32.05 14.18
C GLY B 225 7.08 -31.76 15.65
N HIS B 226 6.95 -30.53 16.10
CA HIS B 226 7.33 -30.17 17.48
C HIS B 226 6.46 -30.84 18.57
N THR B 227 7.03 -30.98 19.76
CA THR B 227 6.33 -31.62 20.88
C THR B 227 6.13 -30.61 22.03
N ALA B 228 6.17 -29.33 21.72
CA ALA B 228 6.00 -28.29 22.73
C ALA B 228 5.69 -26.98 22.01
N VAL B 229 5.36 -25.96 22.80
CA VAL B 229 5.11 -24.62 22.27
C VAL B 229 6.08 -24.29 21.11
N VAL B 230 5.54 -23.89 19.97
CA VAL B 230 6.35 -23.43 18.83
C VAL B 230 6.47 -21.92 18.93
N GLU B 231 7.69 -21.44 19.10
CA GLU B 231 7.89 -20.02 19.48
C GLU B 231 8.02 -19.19 18.25
N ASP B 232 8.67 -19.71 17.21
CA ASP B 232 8.99 -18.83 16.02
C ASP B 232 9.00 -19.67 14.75
N VAL B 233 8.74 -18.99 13.61
CA VAL B 233 8.75 -19.65 12.30
C VAL B 233 9.23 -18.56 11.29
N SER B 234 10.00 -18.94 10.27
CA SER B 234 10.46 -17.94 9.33
C SER B 234 10.68 -18.65 8.00
N TRP B 235 10.16 -18.10 6.91
CA TRP B 235 10.49 -18.62 5.58
C TRP B 235 11.95 -18.41 5.26
N HIS B 236 12.56 -19.33 4.49
CA HIS B 236 13.82 -18.99 3.83
C HIS B 236 13.64 -17.76 2.89
N LEU B 237 14.65 -16.94 2.75
CA LEU B 237 14.57 -15.75 1.88
C LEU B 237 14.72 -16.04 0.39
N LEU B 238 15.29 -17.19 0.03
CA LEU B 238 15.61 -17.47 -1.35
C LEU B 238 14.79 -18.67 -1.88
N HIS B 239 14.65 -19.72 -1.04
CA HIS B 239 14.06 -20.99 -1.49
C HIS B 239 12.57 -21.03 -1.04
N GLU B 240 11.64 -20.95 -2.02
CA GLU B 240 10.22 -20.58 -1.73
C GLU B 240 9.54 -21.71 -0.95
N SER B 241 10.17 -22.86 -0.93
CA SER B 241 9.54 -23.98 -0.26
C SER B 241 10.13 -24.32 1.13
N LEU B 242 11.18 -23.61 1.51
CA LEU B 242 11.90 -23.93 2.75
C LEU B 242 11.53 -22.95 3.86
N PHE B 243 11.30 -23.48 5.05
CA PHE B 243 11.16 -22.67 6.26
C PHE B 243 11.75 -23.35 7.51
N GLY B 244 11.98 -22.53 8.53
CA GLY B 244 12.48 -23.07 9.77
C GLY B 244 11.60 -22.69 10.91
N SER B 245 11.66 -23.49 11.97
CA SER B 245 10.92 -23.25 13.18
C SER B 245 11.71 -23.66 14.46
N VAL B 246 11.35 -23.05 15.59
CA VAL B 246 12.03 -23.30 16.85
C VAL B 246 10.98 -23.40 17.96
N ALA B 247 11.26 -24.22 18.97
CA ALA B 247 10.24 -24.45 19.94
C ALA B 247 10.80 -24.65 21.34
N ASP B 248 9.87 -24.76 22.29
CA ASP B 248 10.20 -24.99 23.66
C ASP B 248 10.75 -26.38 23.87
N ASP B 249 10.69 -27.22 22.85
CA ASP B 249 11.27 -28.60 22.96
C ASP B 249 12.78 -28.50 22.63
N GLN B 250 13.29 -27.27 22.48
CA GLN B 250 14.75 -27.02 22.36
C GLN B 250 15.29 -27.32 20.96
N LYS B 251 14.36 -27.51 20.02
CA LYS B 251 14.70 -27.99 18.68
C LYS B 251 14.61 -26.87 17.65
N LEU B 252 15.48 -26.98 16.64
CA LEU B 252 15.32 -26.19 15.41
C LEU B 252 14.91 -27.23 14.35
N MET B 253 13.89 -26.91 13.56
CA MET B 253 13.44 -27.81 12.53
C MET B 253 13.40 -27.07 11.23
N ILE B 254 13.81 -27.79 10.18
CA ILE B 254 13.83 -27.28 8.82
C ILE B 254 12.80 -28.06 7.98
N TRP B 255 11.84 -27.33 7.40
CA TRP B 255 10.72 -27.90 6.69
C TRP B 255 10.77 -27.56 5.21
N ASP B 256 10.16 -28.47 4.44
CA ASP B 256 9.97 -28.32 3.01
C ASP B 256 8.50 -28.55 2.67
N THR B 257 7.85 -27.52 2.13
CA THR B 257 6.44 -27.59 1.78
C THR B 257 6.18 -28.60 0.67
N ARG B 258 7.18 -28.96 -0.14
CA ARG B 258 6.94 -29.99 -1.15
C ARG B 258 6.77 -31.42 -0.63
N SER B 259 7.23 -31.69 0.59
CA SER B 259 7.11 -33.02 1.20
C SER B 259 5.66 -33.35 1.63
N ASN B 260 5.19 -34.56 1.36
CA ASN B 260 3.83 -34.96 1.79
C ASN B 260 3.65 -35.17 3.31
N ASN B 261 4.75 -35.46 4.00
CA ASN B 261 4.71 -35.68 5.43
C ASN B 261 4.82 -34.39 6.24
N THR B 262 3.72 -33.92 6.80
CA THR B 262 3.75 -32.69 7.58
C THR B 262 3.93 -32.95 9.08
N SER B 263 4.13 -34.22 9.46
CA SER B 263 4.42 -34.54 10.85
C SER B 263 5.93 -34.67 11.18
N LYS B 264 6.79 -34.68 10.18
CA LYS B 264 8.20 -34.88 10.40
C LYS B 264 8.94 -33.90 9.50
N PRO B 265 9.89 -33.13 10.06
CA PRO B 265 10.52 -32.13 9.18
C PRO B 265 11.64 -32.74 8.35
N SER B 266 12.17 -31.99 7.39
CA SER B 266 13.35 -32.47 6.67
C SER B 266 14.57 -32.67 7.54
N HIS B 267 14.78 -31.81 8.55
CA HIS B 267 15.91 -31.87 9.51
C HIS B 267 15.44 -31.38 10.86
N SER B 268 16.05 -31.91 11.91
CA SER B 268 15.56 -31.63 13.25
C SER B 268 16.76 -31.74 14.15
N VAL B 269 17.22 -30.62 14.73
CA VAL B 269 18.34 -30.74 15.66
C VAL B 269 18.09 -30.14 17.04
N ASP B 270 18.81 -30.70 18.02
CA ASP B 270 18.78 -30.16 19.37
C ASP B 270 19.59 -28.89 19.36
N ALA B 271 18.93 -27.77 19.49
CA ALA B 271 19.60 -26.48 19.20
C ALA B 271 20.21 -25.85 20.46
N HIS B 272 19.53 -25.98 21.58
CA HIS B 272 19.92 -25.27 22.77
C HIS B 272 19.62 -26.13 24.01
N THR B 273 20.06 -25.65 25.17
CA THR B 273 19.80 -26.31 26.45
C THR B 273 18.56 -25.74 27.21
N ALA B 274 17.74 -24.92 26.52
CA ALA B 274 16.43 -24.44 26.99
C ALA B 274 15.58 -23.96 25.80
N GLU B 275 14.43 -23.33 26.09
CA GLU B 275 13.53 -22.85 25.03
C GLU B 275 14.27 -22.04 23.97
N VAL B 276 13.89 -22.28 22.71
CA VAL B 276 14.39 -21.52 21.58
C VAL B 276 13.22 -20.63 21.15
N ASN B 277 13.40 -19.30 21.28
CA ASN B 277 12.33 -18.29 21.12
C ASN B 277 12.30 -17.62 19.74
N CYS B 278 13.40 -17.72 18.97
CA CYS B 278 13.49 -16.92 17.71
C CYS B 278 14.55 -17.45 16.79
N LEU B 279 14.38 -17.19 15.49
CA LEU B 279 15.38 -17.58 14.48
C LEU B 279 15.37 -16.52 13.41
N SER B 280 16.49 -16.38 12.70
CA SER B 280 16.54 -15.44 11.57
C SER B 280 17.50 -16.01 10.54
N PHE B 281 17.09 -16.05 9.28
CA PHE B 281 18.01 -16.49 8.20
C PHE B 281 18.86 -15.32 7.73
N ASN B 282 20.15 -15.59 7.44
CA ASN B 282 21.04 -14.56 6.96
C ASN B 282 20.61 -14.22 5.51
N PRO B 283 20.34 -12.93 5.24
CA PRO B 283 19.79 -12.64 3.90
C PRO B 283 20.81 -12.65 2.77
N TYR B 284 22.09 -12.82 3.09
CA TYR B 284 23.18 -12.90 2.08
C TYR B 284 23.78 -14.30 1.90
N SER B 285 23.70 -15.11 2.95
CA SER B 285 24.33 -16.41 2.98
C SER B 285 23.22 -17.43 3.22
N GLU B 286 22.82 -18.10 2.11
CA GLU B 286 21.64 -18.98 2.06
C GLU B 286 21.67 -20.18 3.01
N PHE B 287 22.86 -20.58 3.43
CA PHE B 287 22.98 -21.69 4.38
C PHE B 287 22.99 -21.33 5.85
N ILE B 288 23.08 -20.03 6.17
CA ILE B 288 23.41 -19.59 7.53
C ILE B 288 22.17 -19.01 8.22
N LEU B 289 21.94 -19.39 9.48
CA LEU B 289 20.88 -18.76 10.25
C LEU B 289 21.32 -18.71 11.72
N ALA B 290 20.53 -17.97 12.52
CA ALA B 290 20.86 -17.87 13.92
C ALA B 290 19.57 -18.15 14.75
N THR B 291 19.77 -18.65 15.96
CA THR B 291 18.64 -18.86 16.90
C THR B 291 18.97 -18.20 18.24
N GLY B 292 17.97 -17.61 18.91
CA GLY B 292 18.17 -17.15 20.30
C GLY B 292 17.33 -17.93 21.31
N SER B 293 17.82 -18.03 22.56
CA SER B 293 17.27 -18.98 23.52
C SER B 293 17.15 -18.42 24.92
N ALA B 294 16.31 -19.06 25.72
CA ALA B 294 16.29 -18.81 27.14
C ALA B 294 17.67 -19.13 27.77
N ASP B 295 18.52 -19.89 27.06
CA ASP B 295 19.80 -20.34 27.64
C ASP B 295 20.83 -19.20 27.62
N LYS B 296 20.37 -18.01 27.16
CA LYS B 296 21.14 -16.71 27.18
C LYS B 296 22.13 -16.58 26.00
N THR B 297 22.06 -17.56 25.11
CA THR B 297 22.94 -17.60 23.93
C THR B 297 22.23 -17.38 22.61
N VAL B 298 23.02 -16.90 21.63
CA VAL B 298 22.59 -16.92 20.25
C VAL B 298 23.43 -18.01 19.56
N ALA B 299 22.81 -18.98 18.88
CA ALA B 299 23.63 -19.98 18.20
C ALA B 299 23.66 -19.66 16.70
N LEU B 300 24.75 -20.05 16.06
CA LEU B 300 24.93 -19.84 14.62
C LEU B 300 24.99 -21.21 13.95
N TRP B 301 24.24 -21.35 12.86
CA TRP B 301 23.97 -22.67 12.21
C TRP B 301 24.26 -22.63 10.74
N ASP B 302 24.62 -23.78 10.19
CA ASP B 302 24.79 -23.94 8.77
C ASP B 302 23.90 -25.13 8.39
N LEU B 303 22.89 -24.87 7.57
CA LEU B 303 21.94 -25.88 7.02
C LEU B 303 22.53 -27.15 6.46
N ARG B 304 23.74 -27.07 5.91
CA ARG B 304 24.35 -28.22 5.28
C ARG B 304 24.76 -29.26 6.32
N ASN B 305 24.86 -28.85 7.58
CA ASN B 305 25.22 -29.80 8.66
C ASN B 305 24.80 -29.21 9.97
N LEU B 306 23.53 -29.42 10.29
CA LEU B 306 22.99 -28.90 11.54
C LEU B 306 23.42 -29.71 12.76
N LYS B 307 24.18 -30.78 12.52
CA LYS B 307 24.64 -31.65 13.64
C LYS B 307 25.68 -30.95 14.50
N LEU B 308 26.33 -29.93 13.96
CA LEU B 308 27.42 -29.19 14.63
C LEU B 308 27.15 -27.67 14.65
N LYS B 309 26.90 -27.12 15.84
CA LYS B 309 26.74 -25.67 15.99
C LYS B 309 27.98 -24.92 15.50
N LEU B 310 27.84 -23.82 14.73
CA LEU B 310 29.03 -23.10 14.20
C LEU B 310 29.65 -22.23 15.24
N HIS B 311 28.81 -21.60 16.07
CA HIS B 311 29.30 -20.65 17.06
C HIS B 311 28.21 -20.38 18.09
N SER B 312 28.60 -19.99 19.32
CA SER B 312 27.68 -19.58 20.38
C SER B 312 28.10 -18.15 20.86
N PHE B 313 27.21 -17.18 20.65
CA PHE B 313 27.43 -15.77 21.02
C PHE B 313 26.96 -15.61 22.45
N GLU B 314 27.87 -15.22 23.34
CA GLU B 314 27.62 -15.20 24.78
C GLU B 314 27.92 -13.79 25.34
N SER B 315 26.95 -13.24 26.06
CA SER B 315 27.15 -12.01 26.79
C SER B 315 25.84 -11.52 27.41
N HIS B 316 24.70 -11.89 26.81
CA HIS B 316 23.38 -11.70 27.46
C HIS B 316 23.25 -12.38 28.85
N LYS B 317 22.52 -11.75 29.75
CA LYS B 317 22.47 -12.23 31.12
C LYS B 317 21.16 -12.98 31.39
N ASP B 318 20.26 -13.01 30.40
CA ASP B 318 18.92 -13.55 30.59
C ASP B 318 18.38 -14.01 29.20
N GLU B 319 17.09 -14.30 29.11
CA GLU B 319 16.50 -14.94 27.97
C GLU B 319 16.46 -13.99 26.75
N ILE B 320 16.80 -14.55 25.60
CA ILE B 320 16.77 -13.82 24.31
C ILE B 320 15.45 -14.08 23.61
N PHE B 321 14.77 -13.03 23.21
CA PHE B 321 13.48 -13.22 22.61
C PHE B 321 13.50 -12.84 21.17
N GLN B 322 14.51 -12.09 20.73
CA GLN B 322 14.53 -11.67 19.30
C GLN B 322 15.98 -11.73 18.80
N VAL B 323 16.14 -12.10 17.52
CA VAL B 323 17.41 -12.06 16.82
C VAL B 323 17.11 -11.72 15.37
N GLN B 324 17.91 -10.82 14.80
CA GLN B 324 17.69 -10.38 13.42
C GLN B 324 19.02 -10.06 12.77
N TRP B 325 19.20 -10.50 11.55
CA TRP B 325 20.32 -10.08 10.74
C TRP B 325 20.18 -8.66 10.21
N SER B 326 21.32 -7.99 10.01
CA SER B 326 21.27 -6.66 9.50
C SER B 326 20.88 -6.80 8.03
N PRO B 327 19.99 -5.92 7.54
CA PRO B 327 19.66 -5.91 6.08
C PRO B 327 20.80 -5.40 5.19
N HIS B 328 21.82 -4.76 5.76
CA HIS B 328 22.84 -4.12 4.96
C HIS B 328 24.18 -4.78 5.05
N ASN B 329 24.45 -5.52 6.12
CA ASN B 329 25.82 -6.00 6.36
C ASN B 329 25.77 -7.46 6.76
N GLU B 330 26.30 -8.31 5.88
CA GLU B 330 26.16 -9.73 6.01
C GLU B 330 26.86 -10.40 7.25
N THR B 331 27.75 -9.69 7.95
CA THR B 331 28.39 -10.31 9.14
C THR B 331 27.82 -9.76 10.43
N ILE B 332 26.76 -8.98 10.33
CA ILE B 332 26.19 -8.26 11.46
C ILE B 332 24.84 -8.79 11.85
N LEU B 333 24.70 -9.06 13.14
CA LEU B 333 23.50 -9.69 13.72
C LEU B 333 23.20 -8.98 15.03
N ALA B 334 21.91 -8.90 15.41
CA ALA B 334 21.60 -8.31 16.73
C ALA B 334 20.66 -9.22 17.49
N SER B 335 20.68 -9.11 18.84
CA SER B 335 19.81 -9.90 19.71
C SER B 335 19.29 -9.05 20.88
N SER B 336 18.13 -9.41 21.40
CA SER B 336 17.51 -8.68 22.51
C SER B 336 16.75 -9.63 23.47
N GLY B 337 16.56 -9.20 24.72
CA GLY B 337 15.46 -9.82 25.56
C GLY B 337 15.34 -9.28 26.97
N THR B 338 15.16 -10.21 27.89
CA THR B 338 14.82 -9.97 29.26
C THR B 338 15.91 -9.24 30.04
N ASP B 339 17.19 -9.34 29.64
CA ASP B 339 18.24 -8.61 30.38
C ASP B 339 18.27 -7.10 30.04
N ARG B 340 17.30 -6.63 29.26
CA ARG B 340 17.08 -5.17 28.93
C ARG B 340 18.17 -4.65 27.97
N ARG B 341 18.95 -5.56 27.36
CA ARG B 341 20.13 -5.19 26.56
C ARG B 341 19.81 -5.58 25.13
N LEU B 342 20.28 -4.77 24.18
CA LEU B 342 20.28 -5.17 22.77
C LEU B 342 21.70 -5.29 22.37
N ASN B 343 22.13 -6.52 22.01
CA ASN B 343 23.53 -6.78 21.64
C ASN B 343 23.71 -6.80 20.09
N VAL B 344 24.77 -6.16 19.60
CA VAL B 344 25.09 -6.23 18.16
C VAL B 344 26.42 -6.98 18.06
N TRP B 345 26.40 -8.00 17.19
CA TRP B 345 27.49 -8.97 17.01
C TRP B 345 28.05 -8.81 15.61
N ASP B 346 29.35 -9.05 15.47
CA ASP B 346 30.04 -8.99 14.19
C ASP B 346 30.87 -10.28 14.07
N LEU B 347 30.34 -11.20 13.27
CA LEU B 347 30.94 -12.52 13.09
C LEU B 347 32.39 -12.45 12.52
N SER B 348 32.70 -11.36 11.82
CA SER B 348 34.07 -11.28 11.26
C SER B 348 35.13 -11.12 12.37
N LYS B 349 34.74 -10.64 13.56
CA LYS B 349 35.65 -10.49 14.69
C LYS B 349 35.77 -11.73 15.57
N ILE B 350 35.09 -12.84 15.20
CA ILE B 350 35.21 -14.12 15.93
C ILE B 350 36.63 -14.63 15.96
N GLY B 351 37.20 -14.77 17.15
CA GLY B 351 38.59 -15.29 17.30
C GLY B 351 39.73 -14.28 17.22
N GLU B 352 39.40 -13.03 16.95
CA GLU B 352 40.37 -12.00 16.58
C GLU B 352 39.90 -10.61 17.00
N ASP B 361 34.62 -5.68 29.42
CA ASP B 361 34.91 -6.93 28.72
C ASP B 361 33.72 -7.44 27.86
N GLY B 362 33.99 -8.50 27.10
CA GLY B 362 33.03 -9.25 26.28
C GLY B 362 33.89 -9.95 25.23
N PRO B 363 33.36 -10.98 24.53
CA PRO B 363 34.15 -11.61 23.45
C PRO B 363 34.40 -10.61 22.25
N PRO B 364 35.39 -10.89 21.37
CA PRO B 364 35.71 -9.88 20.34
C PRO B 364 34.57 -9.60 19.38
N GLU B 365 33.70 -10.58 19.11
CA GLU B 365 32.59 -10.40 18.17
C GLU B 365 31.41 -9.60 18.77
N LEU B 366 31.46 -9.24 20.05
CA LEU B 366 30.46 -8.30 20.55
C LEU B 366 30.82 -6.87 20.13
N LEU B 367 30.05 -6.30 19.21
CA LEU B 367 30.37 -5.00 18.65
C LEU B 367 29.83 -3.89 19.54
N PHE B 368 28.62 -4.07 20.10
CA PHE B 368 27.93 -3.00 20.76
C PHE B 368 26.88 -3.54 21.67
N ILE B 369 26.80 -2.94 22.85
CA ILE B 369 25.69 -3.17 23.78
C ILE B 369 24.89 -1.87 23.85
N HIS B 370 23.65 -1.94 23.40
CA HIS B 370 22.66 -0.89 23.62
C HIS B 370 22.01 -1.07 25.02
N GLY B 371 22.27 -0.10 25.92
CA GLY B 371 21.76 -0.10 27.32
C GLY B 371 20.68 0.92 27.57
N GLY B 372 19.96 1.31 26.51
CA GLY B 372 19.02 2.39 26.58
C GLY B 372 17.70 2.00 27.24
N HIS B 373 17.33 0.70 27.22
CA HIS B 373 16.06 0.29 27.85
C HIS B 373 16.22 -0.03 29.33
N THR B 374 15.17 0.21 30.12
CA THR B 374 15.22 0.02 31.57
C THR B 374 14.16 -1.02 31.89
N ALA B 375 13.81 -1.81 30.87
CA ALA B 375 12.86 -2.92 31.08
C ALA B 375 13.09 -3.91 29.97
N LYS B 376 12.54 -5.10 30.13
CA LYS B 376 12.65 -6.12 29.08
C LYS B 376 12.36 -5.61 27.64
N ILE B 377 13.20 -5.95 26.67
CA ILE B 377 12.94 -5.53 25.32
C ILE B 377 12.07 -6.60 24.66
N SER B 378 10.94 -6.19 24.10
CA SER B 378 10.01 -7.20 23.47
C SER B 378 10.26 -7.51 21.97
N ASP B 379 10.70 -6.52 21.21
CA ASP B 379 10.95 -6.68 19.75
C ASP B 379 11.83 -5.57 19.31
N PHE B 380 12.48 -5.77 18.15
CA PHE B 380 13.23 -4.71 17.48
C PHE B 380 13.23 -4.96 15.99
N SER B 381 13.58 -3.90 15.24
CA SER B 381 13.70 -4.04 13.78
C SER B 381 14.82 -3.15 13.24
N TRP B 382 15.65 -3.67 12.32
CA TRP B 382 16.65 -2.84 11.64
C TRP B 382 15.93 -2.04 10.57
N ASN B 383 16.24 -0.76 10.48
CA ASN B 383 15.65 0.09 9.43
C ASN B 383 16.19 -0.36 8.04
N PRO B 384 15.30 -0.65 7.08
CA PRO B 384 15.79 -1.26 5.86
C PRO B 384 16.29 -0.20 4.87
N ASN B 385 16.13 1.09 5.22
CA ASN B 385 16.51 2.17 4.30
C ASN B 385 17.65 3.02 4.83
N GLU B 386 17.92 2.93 6.11
CA GLU B 386 18.88 3.79 6.76
C GLU B 386 19.87 2.94 7.56
N PRO B 387 21.03 2.67 6.99
CA PRO B 387 21.88 1.64 7.60
C PRO B 387 22.24 1.94 9.06
N TRP B 388 22.23 0.91 9.86
CA TRP B 388 22.54 0.97 11.32
C TRP B 388 21.49 1.63 12.21
N VAL B 389 20.37 2.10 11.64
CA VAL B 389 19.28 2.57 12.49
C VAL B 389 18.44 1.37 12.97
N ILE B 390 18.14 1.33 14.29
CA ILE B 390 17.31 0.30 14.89
C ILE B 390 16.11 0.91 15.63
N CYS B 391 14.92 0.27 15.54
CA CYS B 391 13.81 0.62 16.42
C CYS B 391 13.64 -0.55 17.43
N SER B 392 13.67 -0.23 18.71
CA SER B 392 13.47 -1.27 19.77
C SER B 392 12.40 -0.80 20.79
N VAL B 393 11.53 -1.74 21.22
CA VAL B 393 10.36 -1.49 22.05
C VAL B 393 10.50 -2.33 23.34
N SER B 394 10.23 -1.70 24.48
CA SER B 394 10.31 -2.43 25.77
C SER B 394 9.03 -2.33 26.58
N GLU B 395 8.99 -3.18 27.63
CA GLU B 395 7.81 -3.43 28.50
C GLU B 395 7.32 -2.25 29.30
N ASP B 396 8.17 -1.20 29.42
CA ASP B 396 7.86 -0.01 30.24
C ASP B 396 7.42 1.16 29.30
N ASN B 397 6.95 0.81 28.10
CA ASN B 397 6.35 1.72 27.10
C ASN B 397 7.32 2.41 26.19
N ILE B 398 8.60 2.23 26.43
CA ILE B 398 9.57 2.96 25.67
C ILE B 398 9.77 2.39 24.25
N MET B 399 9.82 3.29 23.28
CA MET B 399 10.34 2.98 22.00
C MET B 399 11.56 3.91 21.78
N GLN B 400 12.68 3.32 21.35
CA GLN B 400 13.86 4.04 20.98
C GLN B 400 14.14 3.77 19.52
N VAL B 401 14.54 4.83 18.85
CA VAL B 401 15.04 4.69 17.48
C VAL B 401 16.47 5.23 17.59
N TRP B 402 17.48 4.42 17.26
CA TRP B 402 18.84 4.84 17.58
C TRP B 402 19.82 4.30 16.54
N GLN B 403 21.01 4.90 16.56
CA GLN B 403 22.07 4.50 15.61
C GLN B 403 23.36 4.68 16.37
N MET B 404 24.10 3.59 16.51
CA MET B 404 25.40 3.67 17.21
C MET B 404 26.38 4.56 16.44
N ALA B 405 27.35 5.12 17.17
CA ALA B 405 28.35 6.00 16.57
C ALA B 405 29.07 5.31 15.41
N GLU B 406 29.26 6.04 14.31
CA GLU B 406 29.84 5.47 13.08
C GLU B 406 31.27 4.99 13.31
N ASN B 407 32.03 5.72 14.12
CA ASN B 407 33.37 5.24 14.51
C ASN B 407 33.38 3.90 15.26
N ILE B 408 32.20 3.41 15.65
CA ILE B 408 32.18 2.11 16.31
C ILE B 408 32.23 0.90 15.33
N TYR B 409 31.46 0.93 14.25
CA TYR B 409 31.55 -0.18 13.27
C TYR B 409 32.57 0.07 12.15
N ASN B 410 32.81 1.35 11.86
CA ASN B 410 33.71 1.72 10.80
C ASN B 410 34.82 2.58 11.33
N SER C 2 2.41 -16.16 31.73
CA SER C 2 3.18 -16.10 30.41
C SER C 2 4.61 -15.68 30.67
N ARG C 3 5.56 -16.52 30.27
CA ARG C 3 6.99 -16.16 30.20
C ARG C 3 7.25 -15.02 29.21
N ARG C 4 6.35 -14.87 28.24
CA ARG C 4 6.64 -14.01 27.11
C ARG C 4 6.02 -12.64 27.17
N LYS C 5 4.97 -12.45 27.98
CA LYS C 5 4.45 -11.08 28.15
C LYS C 5 4.06 -10.81 29.58
N GLN C 6 4.20 -9.56 30.00
CA GLN C 6 3.86 -9.18 31.43
C GLN C 6 2.35 -9.20 31.69
N SER C 7 1.92 -9.33 32.95
CA SER C 7 0.49 -9.51 33.21
C SER C 7 -0.23 -8.18 33.27
N ASN C 8 0.42 -7.09 33.67
CA ASN C 8 -0.17 -5.75 33.94
C ASN C 8 0.57 -4.56 33.31
N PRO C 9 0.46 -4.40 31.97
CA PRO C 9 1.02 -3.17 31.37
C PRO C 9 0.48 -1.89 32.01
N ARG C 10 1.30 -0.87 32.14
CA ARG C 10 0.84 0.40 32.69
C ARG C 10 0.60 1.41 31.55
N GLN C 11 -0.41 2.26 31.68
CA GLN C 11 -0.76 3.28 30.67
C GLN C 11 -0.03 4.59 30.97
N ILE C 12 0.44 5.28 29.93
CA ILE C 12 0.98 6.61 30.17
C ILE C 12 -0.03 7.46 29.45
N LYS C 13 -0.98 7.97 30.22
CA LYS C 13 -2.02 8.84 29.69
C LYS C 13 -1.33 10.10 29.22
N MET D 1 -9.15 4.68 4.27
CA MET D 1 -10.40 4.11 3.71
C MET D 1 -10.97 5.17 2.77
N SER D 2 -11.35 4.76 1.57
CA SER D 2 -11.66 5.72 0.52
C SER D 2 -13.08 5.40 0.07
N ARG D 3 -13.92 6.43 0.06
CA ARG D 3 -15.33 6.36 -0.37
C ARG D 3 -15.44 6.10 -1.88
N ARG D 4 -14.32 6.18 -2.61
CA ARG D 4 -14.50 6.15 -4.09
C ARG D 4 -14.47 4.76 -4.67
N LYS D 5 -14.16 3.76 -3.84
CA LYS D 5 -14.23 2.38 -4.28
C LYS D 5 -15.09 1.50 -3.40
N GLN D 6 -15.85 0.60 -4.01
CA GLN D 6 -16.72 -0.22 -3.23
C GLN D 6 -15.87 -1.14 -2.33
N SER D 7 -16.46 -1.53 -1.23
CA SER D 7 -15.68 -2.29 -0.27
C SER D 7 -15.67 -3.79 -0.64
N ASN D 8 -16.61 -4.26 -1.48
CA ASN D 8 -16.61 -5.67 -1.86
C ASN D 8 -16.74 -6.04 -3.34
N PRO D 9 -15.69 -5.79 -4.17
CA PRO D 9 -15.71 -6.25 -5.56
C PRO D 9 -15.83 -7.78 -5.71
N ARG D 10 -16.55 -8.20 -6.76
CA ARG D 10 -16.92 -9.62 -7.04
C ARG D 10 -16.32 -10.12 -8.34
N GLN D 11 -15.86 -11.36 -8.33
CA GLN D 11 -15.17 -11.96 -9.46
C GLN D 11 -16.18 -12.60 -10.38
N ILE D 12 -15.98 -12.52 -11.68
CA ILE D 12 -16.76 -13.31 -12.64
C ILE D 12 -15.77 -14.27 -13.29
N LYS D 13 -15.83 -15.55 -12.96
CA LYS D 13 -14.95 -16.49 -13.70
C LYS D 13 -15.72 -17.20 -14.83
O1 PG4 E . -28.82 18.38 -1.86
C1 PG4 E . -28.96 18.70 -0.48
C2 PG4 E . -30.03 17.69 -0.06
O2 PG4 E . -29.44 16.44 0.40
C3 PG4 E . -30.49 15.47 0.56
C4 PG4 E . -29.86 14.16 0.97
O3 PG4 E . -29.12 13.78 -0.19
C5 PG4 E . -28.59 12.45 -0.11
C6 PG4 E . -27.91 12.17 -1.47
O4 PG4 E . -28.91 12.28 -2.50
C7 PG4 E . -28.59 11.48 -3.67
C8 PG4 E . -29.87 11.10 -4.46
O5 PG4 E . -29.71 9.77 -4.94
O1 PG4 F . 18.22 -17.17 31.12
C1 PG4 F . 17.20 -17.18 32.16
C2 PG4 F . 17.62 -17.99 33.43
O2 PG4 F . 18.47 -17.17 34.27
C3 PG4 F . 18.49 -17.51 35.66
C4 PG4 F . 19.04 -18.90 35.89
O3 PG4 F . 20.32 -18.96 35.27
C5 PG4 F . 21.23 -19.88 35.85
C6 PG4 F . 22.38 -20.16 34.86
O4 PG4 F . 23.22 -19.00 34.84
C7 PG4 F . 24.50 -19.18 34.21
C8 PG4 F . 25.56 -18.38 34.99
#